data_7ATB
#
_entry.id   7ATB
#
_entity_poly.entity_id   1
_entity_poly.type   'polypeptide(L)'
_entity_poly.pdbx_seq_one_letter_code
;RRCLFLSLFSFLIVLLLTTLFCLLHFGVIGPQR
;
_entity_poly.pdbx_strand_id   A
#
# COMPACT_ATOMS: atom_id res chain seq x y z
N ARG A 1 19.31 10.88 -12.11
CA ARG A 1 19.10 10.93 -10.63
C ARG A 1 18.10 9.87 -10.19
N ARG A 2 16.90 9.93 -10.75
CA ARG A 2 15.85 8.96 -10.41
C ARG A 2 16.26 7.55 -10.82
N CYS A 3 16.23 6.64 -9.85
CA CYS A 3 16.59 5.25 -10.11
C CYS A 3 15.36 4.42 -10.46
N LEU A 4 15.29 3.99 -11.71
CA LEU A 4 14.16 3.19 -12.18
C LEU A 4 14.01 1.90 -11.38
N PHE A 5 15.13 1.42 -10.84
CA PHE A 5 15.12 0.19 -10.05
C PHE A 5 14.54 0.44 -8.66
N LEU A 6 15.01 1.49 -8.00
CA LEU A 6 14.53 1.83 -6.66
C LEU A 6 13.07 2.25 -6.71
N SER A 7 12.66 2.85 -7.83
CA SER A 7 11.29 3.30 -7.99
C SER A 7 10.32 2.12 -8.05
N LEU A 8 10.76 1.06 -8.75
CA LEU A 8 9.95 -0.15 -8.88
C LEU A 8 9.69 -0.75 -7.51
N PHE A 9 10.68 -0.66 -6.63
CA PHE A 9 10.57 -1.20 -5.28
C PHE A 9 9.66 -0.32 -4.43
N SER A 10 9.48 0.93 -4.86
CA SER A 10 8.64 1.88 -4.13
C SER A 10 7.16 1.56 -4.33
N PHE A 11 6.81 1.11 -5.55
CA PHE A 11 5.42 0.77 -5.86
C PHE A 11 4.95 -0.41 -5.02
N LEU A 12 5.89 -1.25 -4.62
CA LEU A 12 5.57 -2.42 -3.81
C LEU A 12 5.27 -1.99 -2.37
N ILE A 13 5.92 -0.94 -1.93
CA ILE A 13 5.73 -0.42 -0.58
C ILE A 13 4.44 0.40 -0.50
N VAL A 14 4.17 1.17 -1.55
CA VAL A 14 2.96 1.99 -1.59
C VAL A 14 1.71 1.13 -1.65
N LEU A 15 1.82 -0.05 -2.26
CA LEU A 15 0.70 -0.97 -2.38
C LEU A 15 0.52 -1.76 -1.09
N LEU A 16 1.62 -2.28 -0.57
CA LEU A 16 1.59 -3.06 0.66
C LEU A 16 1.00 -2.25 1.81
N LEU A 17 1.21 -0.93 1.77
CA LEU A 17 0.69 -0.05 2.81
C LEU A 17 -0.79 0.20 2.62
N THR A 18 -1.19 0.52 1.39
CA THR A 18 -2.60 0.79 1.09
C THR A 18 -3.48 -0.41 1.41
N THR A 19 -2.88 -1.59 1.46
CA THR A 19 -3.62 -2.81 1.76
C THR A 19 -4.09 -2.83 3.21
N LEU A 20 -3.15 -2.63 4.13
CA LEU A 20 -3.47 -2.63 5.56
C LEU A 20 -4.09 -1.30 6.00
N PHE A 21 -3.47 -0.20 5.61
CA PHE A 21 -3.93 1.13 5.96
C PHE A 21 -5.42 1.30 5.61
N CYS A 22 -5.85 0.66 4.53
CA CYS A 22 -7.24 0.75 4.10
C CYS A 22 -8.15 -0.05 5.03
N LEU A 23 -7.64 -1.17 5.51
CA LEU A 23 -8.40 -2.04 6.42
C LEU A 23 -8.51 -1.40 7.80
N LEU A 24 -7.53 -0.59 8.14
CA LEU A 24 -7.49 0.09 9.44
C LEU A 24 -8.41 1.32 9.44
N HIS A 25 -8.44 2.01 8.32
CA HIS A 25 -9.27 3.22 8.19
C HIS A 25 -10.73 2.86 7.96
N PHE A 26 -10.99 2.02 6.97
CA PHE A 26 -12.35 1.60 6.64
C PHE A 26 -13.01 0.91 7.83
N GLY A 27 -12.21 0.32 8.70
CA GLY A 27 -12.74 -0.36 9.86
C GLY A 27 -13.50 -1.62 9.49
N VAL A 28 -13.11 -2.23 8.37
CA VAL A 28 -13.76 -3.45 7.87
C VAL A 28 -14.08 -4.40 9.02
N ILE A 29 -13.04 -5.02 9.57
CA ILE A 29 -13.19 -5.96 10.67
C ILE A 29 -12.00 -5.92 11.62
N GLY A 30 -11.11 -4.97 11.39
CA GLY A 30 -9.93 -4.84 12.20
C GLY A 30 -9.52 -3.39 12.41
N PRO A 31 -10.35 -2.59 13.09
CA PRO A 31 -10.05 -1.17 13.33
C PRO A 31 -9.02 -0.97 14.44
N GLN A 32 -7.77 -1.28 14.14
CA GLN A 32 -6.68 -1.13 15.11
C GLN A 32 -6.07 0.26 15.02
N ARG A 33 -6.93 1.28 14.98
CA ARG A 33 -6.48 2.67 14.90
C ARG A 33 -5.90 3.13 16.23
N ARG A 1 14.49 1.31 -21.55
CA ARG A 1 14.69 2.77 -21.65
C ARG A 1 14.34 3.47 -20.35
N ARG A 2 13.32 2.96 -19.67
CA ARG A 2 12.87 3.53 -18.39
C ARG A 2 13.00 2.51 -17.27
N CYS A 3 13.49 2.95 -16.12
CA CYS A 3 13.66 2.07 -14.97
C CYS A 3 12.30 1.71 -14.37
N LEU A 4 11.71 0.62 -14.84
CA LEU A 4 10.41 0.18 -14.34
C LEU A 4 10.56 -0.62 -13.05
N PHE A 5 11.72 -1.23 -12.86
CA PHE A 5 11.99 -2.01 -11.68
C PHE A 5 12.39 -1.12 -10.51
N LEU A 6 13.25 -0.14 -10.79
CA LEU A 6 13.71 0.77 -9.75
C LEU A 6 12.57 1.62 -9.20
N SER A 7 11.69 2.07 -10.10
CA SER A 7 10.55 2.89 -9.69
C SER A 7 9.53 2.05 -8.94
N LEU A 8 9.37 0.80 -9.34
CA LEU A 8 8.43 -0.10 -8.69
C LEU A 8 8.92 -0.53 -7.31
N PHE A 9 10.22 -0.36 -7.08
CA PHE A 9 10.81 -0.72 -5.80
C PHE A 9 10.21 0.09 -4.66
N SER A 10 9.62 1.24 -4.99
CA SER A 10 9.00 2.11 -4.00
C SER A 10 7.50 1.88 -3.91
N PHE A 11 6.84 1.86 -5.07
CA PHE A 11 5.39 1.67 -5.13
C PHE A 11 4.98 0.40 -4.39
N LEU A 12 5.79 -0.64 -4.50
CA LEU A 12 5.50 -1.91 -3.86
C LEU A 12 5.43 -1.76 -2.34
N ILE A 13 6.43 -1.08 -1.77
CA ILE A 13 6.48 -0.87 -0.33
C ILE A 13 5.28 -0.05 0.14
N VAL A 14 4.85 0.90 -0.67
CA VAL A 14 3.71 1.75 -0.33
C VAL A 14 2.40 0.99 -0.44
N LEU A 15 2.31 0.09 -1.41
CA LEU A 15 1.10 -0.70 -1.62
C LEU A 15 0.86 -1.66 -0.47
N LEU A 16 1.89 -2.43 -0.11
CA LEU A 16 1.79 -3.40 0.97
C LEU A 16 1.26 -2.76 2.25
N LEU A 17 1.66 -1.51 2.50
CA LEU A 17 1.22 -0.80 3.69
C LEU A 17 -0.21 -0.31 3.55
N THR A 18 -0.50 0.33 2.42
CA THR A 18 -1.83 0.86 2.15
C THR A 18 -2.89 -0.25 2.17
N THR A 19 -2.46 -1.48 1.93
CA THR A 19 -3.37 -2.61 1.91
C THR A 19 -4.08 -2.77 3.26
N LEU A 20 -3.28 -2.92 4.32
CA LEU A 20 -3.82 -3.10 5.67
C LEU A 20 -4.21 -1.76 6.29
N PHE A 21 -3.48 -0.71 5.91
CA PHE A 21 -3.75 0.63 6.44
C PHE A 21 -5.09 1.16 5.96
N CYS A 22 -5.52 0.71 4.77
CA CYS A 22 -6.79 1.14 4.20
C CYS A 22 -7.96 0.35 4.80
N LEU A 23 -7.77 -0.95 4.92
CA LEU A 23 -8.80 -1.82 5.47
C LEU A 23 -9.22 -1.38 6.87
N LEU A 24 -8.26 -0.86 7.63
CA LEU A 24 -8.52 -0.40 8.99
C LEU A 24 -9.15 1.00 9.00
N HIS A 25 -8.88 1.78 7.96
CA HIS A 25 -9.41 3.13 7.85
C HIS A 25 -10.90 3.13 7.52
N PHE A 26 -11.24 2.55 6.36
CA PHE A 26 -12.64 2.50 5.93
C PHE A 26 -13.38 1.35 6.58
N GLY A 27 -12.65 0.32 6.97
CA GLY A 27 -13.26 -0.84 7.61
C GLY A 27 -13.71 -1.89 6.61
N VAL A 28 -13.96 -1.47 5.38
CA VAL A 28 -14.39 -2.39 4.34
C VAL A 28 -13.83 -1.97 2.98
N ILE A 29 -14.52 -1.06 2.31
CA ILE A 29 -14.10 -0.59 1.00
C ILE A 29 -14.29 0.92 0.84
N GLY A 30 -14.84 1.54 1.88
CA GLY A 30 -15.07 2.98 1.83
C GLY A 30 -16.43 3.33 1.26
N PRO A 31 -17.52 3.01 1.99
CA PRO A 31 -18.88 3.30 1.52
C PRO A 31 -19.24 4.77 1.64
N GLN A 32 -18.72 5.41 2.68
CA GLN A 32 -18.98 6.83 2.92
C GLN A 32 -20.46 7.11 3.12
N ARG A 33 -21.24 6.03 3.28
CA ARG A 33 -22.68 6.15 3.47
C ARG A 33 -23.17 5.16 4.53
N ARG A 1 16.44 11.31 -11.92
CA ARG A 1 16.13 11.21 -10.47
C ARG A 1 16.06 9.77 -10.02
N ARG A 2 15.11 9.02 -10.59
CA ARG A 2 14.93 7.62 -10.25
C ARG A 2 14.94 6.74 -11.49
N CYS A 3 15.36 5.49 -11.33
CA CYS A 3 15.42 4.55 -12.43
C CYS A 3 14.16 3.70 -12.50
N LEU A 4 13.91 3.11 -13.67
CA LEU A 4 12.74 2.27 -13.86
C LEU A 4 12.74 1.08 -12.90
N PHE A 5 13.91 0.75 -12.39
CA PHE A 5 14.05 -0.36 -11.46
C PHE A 5 13.80 0.09 -10.02
N LEU A 6 14.19 1.33 -9.72
CA LEU A 6 14.00 1.89 -8.39
C LEU A 6 12.57 2.35 -8.17
N SER A 7 11.85 2.59 -9.27
CA SER A 7 10.47 3.03 -9.20
C SER A 7 9.56 1.93 -8.68
N LEU A 8 9.86 0.70 -9.04
CA LEU A 8 9.06 -0.45 -8.61
C LEU A 8 9.39 -0.82 -7.16
N PHE A 9 10.61 -0.51 -6.74
CA PHE A 9 11.04 -0.81 -5.37
C PHE A 9 10.17 -0.09 -4.36
N SER A 10 9.96 1.21 -4.58
CA SER A 10 9.14 2.02 -3.68
C SER A 10 7.66 1.84 -4.01
N PHE A 11 7.37 1.11 -5.08
CA PHE A 11 6.00 0.87 -5.50
C PHE A 11 5.43 -0.36 -4.79
N LEU A 12 6.32 -1.21 -4.30
CA LEU A 12 5.92 -2.42 -3.60
C LEU A 12 5.56 -2.10 -2.16
N ILE A 13 6.21 -1.08 -1.61
CA ILE A 13 5.96 -0.65 -0.23
C ILE A 13 4.72 0.23 -0.15
N VAL A 14 4.47 1.00 -1.20
CA VAL A 14 3.32 1.90 -1.23
C VAL A 14 2.01 1.12 -1.32
N LEU A 15 2.03 -0.01 -2.02
CA LEU A 15 0.85 -0.84 -2.19
C LEU A 15 0.58 -1.66 -0.92
N LEU A 16 1.58 -2.44 -0.51
CA LEU A 16 1.46 -3.28 0.67
C LEU A 16 1.05 -2.48 1.90
N LEU A 17 1.32 -1.17 1.88
CA LEU A 17 0.99 -0.29 2.98
C LEU A 17 -0.47 0.15 2.91
N THR A 18 -0.87 0.64 1.74
CA THR A 18 -2.24 1.11 1.55
C THR A 18 -3.25 -0.02 1.69
N THR A 19 -2.79 -1.26 1.50
CA THR A 19 -3.65 -2.42 1.61
C THR A 19 -4.24 -2.55 3.01
N LEU A 20 -3.36 -2.67 4.01
CA LEU A 20 -3.80 -2.81 5.39
C LEU A 20 -4.25 -1.48 5.98
N PHE A 21 -3.54 -0.41 5.62
CA PHE A 21 -3.87 0.92 6.14
C PHE A 21 -5.31 1.30 5.81
N CYS A 22 -5.72 1.08 4.56
CA CYS A 22 -7.07 1.41 4.13
C CYS A 22 -8.09 0.51 4.81
N LEU A 23 -7.72 -0.74 5.04
CA LEU A 23 -8.60 -1.71 5.70
C LEU A 23 -8.86 -1.31 7.14
N LEU A 24 -7.87 -0.69 7.77
CA LEU A 24 -7.98 -0.25 9.16
C LEU A 24 -8.75 1.05 9.28
N HIS A 25 -8.72 1.86 8.22
CA HIS A 25 -9.41 3.14 8.21
C HIS A 25 -10.91 2.99 8.04
N PHE A 26 -11.33 1.94 7.33
CA PHE A 26 -12.76 1.70 7.10
C PHE A 26 -13.23 0.43 7.81
N GLY A 27 -12.28 -0.39 8.24
CA GLY A 27 -12.62 -1.62 8.93
C GLY A 27 -12.65 -2.83 8.01
N VAL A 28 -12.88 -2.59 6.72
CA VAL A 28 -12.92 -3.66 5.74
C VAL A 28 -13.20 -3.13 4.34
N ILE A 29 -14.21 -2.29 4.21
CA ILE A 29 -14.59 -1.72 2.91
C ILE A 29 -15.51 -0.52 3.09
N GLY A 30 -15.00 0.68 2.85
CA GLY A 30 -15.79 1.88 2.98
C GLY A 30 -16.56 2.21 1.72
N PRO A 31 -15.88 2.40 0.58
CA PRO A 31 -16.53 2.73 -0.70
C PRO A 31 -17.48 1.62 -1.15
N GLN A 32 -18.12 1.84 -2.30
CA GLN A 32 -19.06 0.87 -2.85
C GLN A 32 -18.45 0.15 -4.05
N ARG A 33 -17.14 -0.02 -4.03
CA ARG A 33 -16.44 -0.69 -5.13
C ARG A 33 -16.62 -2.20 -5.03
N ARG A 1 19.18 4.90 -18.77
CA ARG A 1 18.80 6.30 -18.48
C ARG A 1 18.04 6.41 -17.17
N ARG A 2 16.82 5.87 -17.14
CA ARG A 2 15.99 5.90 -15.95
C ARG A 2 16.04 4.57 -15.21
N CYS A 3 15.60 4.57 -13.95
CA CYS A 3 15.60 3.35 -13.15
C CYS A 3 14.17 2.83 -12.98
N LEU A 4 13.77 1.95 -13.89
CA LEU A 4 12.43 1.35 -13.85
C LEU A 4 12.36 0.25 -12.79
N PHE A 5 13.50 -0.39 -12.55
CA PHE A 5 13.57 -1.47 -11.57
C PHE A 5 13.58 -0.92 -10.15
N LEU A 6 14.20 0.26 -9.99
CA LEU A 6 14.30 0.90 -8.70
C LEU A 6 12.99 1.60 -8.33
N SER A 7 12.40 2.28 -9.30
CA SER A 7 11.14 2.97 -9.09
C SER A 7 10.07 2.01 -8.60
N LEU A 8 10.19 0.75 -9.00
CA LEU A 8 9.24 -0.28 -8.61
C LEU A 8 9.42 -0.64 -7.14
N PHE A 9 10.65 -0.47 -6.64
CA PHE A 9 10.97 -0.77 -5.25
C PHE A 9 10.15 0.11 -4.31
N SER A 10 9.72 1.27 -4.81
CA SER A 10 8.94 2.22 -4.02
C SER A 10 7.46 1.85 -4.03
N PHE A 11 6.94 1.53 -5.21
CA PHE A 11 5.53 1.18 -5.36
C PHE A 11 5.19 -0.06 -4.55
N LEU A 12 6.14 -0.97 -4.44
CA LEU A 12 5.94 -2.21 -3.69
C LEU A 12 5.62 -1.89 -2.23
N ILE A 13 6.14 -0.77 -1.75
CA ILE A 13 5.91 -0.35 -0.37
C ILE A 13 4.57 0.35 -0.24
N VAL A 14 4.30 1.30 -1.15
CA VAL A 14 3.05 2.04 -1.12
C VAL A 14 1.85 1.12 -1.35
N LEU A 15 2.11 -0.06 -1.90
CA LEU A 15 1.06 -1.03 -2.17
C LEU A 15 0.72 -1.85 -0.93
N LEU A 16 1.72 -2.57 -0.42
CA LEU A 16 1.55 -3.41 0.76
C LEU A 16 1.01 -2.59 1.94
N LEU A 17 1.24 -1.28 1.91
CA LEU A 17 0.77 -0.40 2.98
C LEU A 17 -0.69 -0.03 2.79
N THR A 18 -1.03 0.45 1.59
CA THR A 18 -2.39 0.85 1.29
C THR A 18 -3.39 -0.28 1.52
N THR A 19 -2.90 -1.52 1.47
CA THR A 19 -3.77 -2.68 1.66
C THR A 19 -4.28 -2.74 3.09
N LEU A 20 -3.37 -2.82 4.05
CA LEU A 20 -3.74 -2.90 5.47
C LEU A 20 -4.24 -1.54 5.98
N PHE A 21 -3.52 -0.48 5.63
CA PHE A 21 -3.88 0.87 6.06
C PHE A 21 -5.32 1.20 5.69
N CYS A 22 -5.78 0.69 4.55
CA CYS A 22 -7.15 0.93 4.10
C CYS A 22 -8.15 0.17 4.97
N LEU A 23 -7.85 -1.10 5.22
CA LEU A 23 -8.72 -1.95 6.03
C LEU A 23 -8.84 -1.40 7.45
N LEU A 24 -7.78 -0.75 7.91
CA LEU A 24 -7.76 -0.17 9.25
C LEU A 24 -8.48 1.18 9.29
N HIS A 25 -8.57 1.82 8.12
CA HIS A 25 -9.24 3.12 8.02
C HIS A 25 -10.76 2.96 7.98
N PHE A 26 -11.25 2.23 6.99
CA PHE A 26 -12.69 2.01 6.84
C PHE A 26 -13.24 1.21 8.01
N GLY A 27 -12.38 0.41 8.64
CA GLY A 27 -12.81 -0.40 9.77
C GLY A 27 -13.54 -1.66 9.34
N VAL A 28 -13.23 -2.16 8.14
CA VAL A 28 -13.86 -3.35 7.61
C VAL A 28 -13.97 -4.45 8.67
N ILE A 29 -12.92 -4.60 9.47
CA ILE A 29 -12.89 -5.59 10.53
C ILE A 29 -11.88 -5.22 11.60
N GLY A 30 -12.31 -4.37 12.53
CA GLY A 30 -11.45 -3.93 13.60
C GLY A 30 -12.11 -4.06 14.96
N PRO A 31 -13.04 -3.15 15.30
CA PRO A 31 -13.76 -3.18 16.57
C PRO A 31 -14.72 -4.36 16.66
N GLN A 32 -15.53 -4.38 17.72
CA GLN A 32 -16.50 -5.45 17.91
C GLN A 32 -17.89 -4.88 18.16
N ARG A 33 -18.59 -4.53 17.08
CA ARG A 33 -19.93 -3.97 17.18
C ARG A 33 -20.95 -4.86 16.47
N ARG A 1 22.25 3.81 -16.64
CA ARG A 1 22.44 5.01 -15.80
C ARG A 1 21.14 5.38 -15.08
N ARG A 2 20.18 4.46 -15.09
CA ARG A 2 18.90 4.69 -14.45
C ARG A 2 18.51 3.50 -13.58
N CYS A 3 17.60 3.73 -12.63
CA CYS A 3 17.15 2.67 -11.73
C CYS A 3 15.74 2.21 -12.11
N LEU A 4 15.67 1.14 -12.90
CA LEU A 4 14.39 0.59 -13.33
C LEU A 4 13.82 -0.34 -12.27
N PHE A 5 14.67 -1.18 -11.70
CA PHE A 5 14.25 -2.13 -10.68
C PHE A 5 13.99 -1.41 -9.36
N LEU A 6 14.95 -0.60 -8.92
CA LEU A 6 14.83 0.13 -7.67
C LEU A 6 13.54 0.93 -7.61
N SER A 7 13.22 1.61 -8.71
CA SER A 7 12.01 2.43 -8.78
C SER A 7 10.75 1.57 -8.61
N LEU A 8 10.87 0.29 -8.95
CA LEU A 8 9.74 -0.63 -8.84
C LEU A 8 9.58 -1.14 -7.41
N PHE A 9 10.66 -1.04 -6.62
CA PHE A 9 10.64 -1.49 -5.24
C PHE A 9 9.96 -0.47 -4.33
N SER A 10 9.57 0.66 -4.88
CA SER A 10 8.91 1.71 -4.11
C SER A 10 7.39 1.61 -4.23
N PHE A 11 6.92 1.38 -5.45
CA PHE A 11 5.48 1.27 -5.69
C PHE A 11 4.85 0.18 -4.83
N LEU A 12 5.62 -0.88 -4.59
CA LEU A 12 5.14 -2.00 -3.78
C LEU A 12 4.99 -1.60 -2.32
N ILE A 13 5.95 -0.84 -1.82
CA ILE A 13 5.91 -0.38 -0.43
C ILE A 13 4.73 0.55 -0.18
N VAL A 14 4.35 1.30 -1.20
CA VAL A 14 3.25 2.24 -1.09
C VAL A 14 1.89 1.53 -1.17
N LEU A 15 1.71 0.71 -2.20
CA LEU A 15 0.45 -0.01 -2.38
C LEU A 15 0.22 -0.99 -1.24
N LEU A 16 1.30 -1.57 -0.72
CA LEU A 16 1.20 -2.53 0.39
C LEU A 16 0.85 -1.81 1.68
N LEU A 17 1.21 -0.53 1.75
CA LEU A 17 0.93 0.29 2.92
C LEU A 17 -0.53 0.72 2.92
N THR A 18 -1.03 1.08 1.74
CA THR A 18 -2.42 1.51 1.60
C THR A 18 -3.38 0.33 1.77
N THR A 19 -2.90 -0.88 1.48
CA THR A 19 -3.73 -2.07 1.61
C THR A 19 -4.14 -2.30 3.06
N LEU A 20 -3.15 -2.33 3.95
CA LEU A 20 -3.39 -2.53 5.36
C LEU A 20 -3.98 -1.26 5.98
N PHE A 21 -3.52 -0.11 5.50
CA PHE A 21 -4.00 1.17 6.00
C PHE A 21 -5.47 1.37 5.68
N CYS A 22 -5.91 0.79 4.57
CA CYS A 22 -7.31 0.90 4.15
C CYS A 22 -8.19 -0.02 4.99
N LEU A 23 -7.73 -1.26 5.17
CA LEU A 23 -8.49 -2.24 5.96
C LEU A 23 -8.67 -1.75 7.39
N LEU A 24 -7.68 -1.02 7.89
CA LEU A 24 -7.73 -0.49 9.25
C LEU A 24 -8.59 0.76 9.32
N HIS A 25 -8.67 1.48 8.20
CA HIS A 25 -9.45 2.71 8.14
C HIS A 25 -10.94 2.41 8.09
N PHE A 26 -11.31 1.32 7.44
CA PHE A 26 -12.71 0.93 7.32
C PHE A 26 -13.11 -0.08 8.39
N GLY A 27 -12.11 -0.77 8.92
CA GLY A 27 -12.36 -1.77 9.95
C GLY A 27 -13.18 -2.93 9.45
N VAL A 28 -13.08 -3.22 8.14
CA VAL A 28 -13.81 -4.31 7.53
C VAL A 28 -13.54 -5.63 8.24
N ILE A 29 -12.29 -5.84 8.63
CA ILE A 29 -11.91 -7.06 9.33
C ILE A 29 -11.02 -6.76 10.52
N GLY A 30 -10.77 -5.48 10.75
CA GLY A 30 -9.93 -5.06 11.85
C GLY A 30 -10.46 -3.81 12.54
N PRO A 31 -11.59 -3.92 13.27
CA PRO A 31 -12.19 -2.77 13.96
C PRO A 31 -11.32 -2.28 15.12
N GLN A 32 -10.64 -1.17 14.90
CA GLN A 32 -9.76 -0.58 15.92
C GLN A 32 -10.58 0.12 17.00
N ARG A 33 -11.90 0.21 16.78
CA ARG A 33 -12.79 0.86 17.73
C ARG A 33 -13.01 -0.03 18.96
N ARG A 1 20.91 9.21 -11.13
CA ARG A 1 20.85 8.06 -12.06
C ARG A 1 19.84 7.03 -11.60
N ARG A 2 18.65 7.49 -11.21
CA ARG A 2 17.59 6.61 -10.76
C ARG A 2 17.20 5.62 -11.84
N CYS A 3 17.21 4.34 -11.51
CA CYS A 3 16.86 3.28 -12.45
C CYS A 3 15.35 3.08 -12.50
N LEU A 4 14.86 2.63 -13.66
CA LEU A 4 13.42 2.38 -13.84
C LEU A 4 12.97 1.22 -12.97
N PHE A 5 13.92 0.40 -12.54
CA PHE A 5 13.61 -0.76 -11.71
C PHE A 5 13.59 -0.36 -10.23
N LEU A 6 14.55 0.45 -9.82
CA LEU A 6 14.65 0.90 -8.45
C LEU A 6 13.48 1.81 -8.08
N SER A 7 12.91 2.46 -9.09
CA SER A 7 11.78 3.36 -8.88
C SER A 7 10.48 2.58 -8.74
N LEU A 8 10.41 1.44 -9.41
CA LEU A 8 9.22 0.59 -9.37
C LEU A 8 9.18 -0.21 -8.08
N PHE A 9 10.27 -0.18 -7.34
CA PHE A 9 10.35 -0.90 -6.06
C PHE A 9 9.64 -0.14 -4.94
N SER A 10 9.47 1.16 -5.13
CA SER A 10 8.80 1.99 -4.13
C SER A 10 7.30 1.76 -4.16
N PHE A 11 6.74 1.64 -5.35
CA PHE A 11 5.31 1.42 -5.51
C PHE A 11 4.85 0.16 -4.78
N LEU A 12 5.77 -0.78 -4.63
CA LEU A 12 5.46 -2.04 -3.95
C LEU A 12 5.38 -1.85 -2.44
N ILE A 13 6.38 -1.16 -1.88
CA ILE A 13 6.42 -0.92 -0.44
C ILE A 13 5.17 -0.17 0.02
N VAL A 14 4.63 0.67 -0.86
CA VAL A 14 3.43 1.44 -0.55
C VAL A 14 2.18 0.61 -0.77
N LEU A 15 2.26 -0.34 -1.71
CA LEU A 15 1.14 -1.20 -2.02
C LEU A 15 0.75 -2.06 -0.82
N LEU A 16 1.75 -2.69 -0.20
CA LEU A 16 1.52 -3.54 0.96
C LEU A 16 0.93 -2.73 2.12
N LEU A 17 1.47 -1.55 2.36
CA LEU A 17 1.00 -0.69 3.45
C LEU A 17 -0.45 -0.26 3.24
N THR A 18 -0.79 0.13 2.02
CA THR A 18 -2.15 0.57 1.72
C THR A 18 -3.17 -0.54 1.99
N THR A 19 -2.72 -1.78 1.99
CA THR A 19 -3.60 -2.90 2.25
C THR A 19 -4.15 -2.86 3.68
N LEU A 20 -3.24 -2.87 4.65
CA LEU A 20 -3.62 -2.83 6.05
C LEU A 20 -4.02 -1.43 6.49
N PHE A 21 -3.57 -0.42 5.74
CA PHE A 21 -3.87 0.97 6.08
C PHE A 21 -5.30 1.33 5.67
N CYS A 22 -5.76 0.77 4.55
CA CYS A 22 -7.11 1.04 4.07
C CYS A 22 -8.15 0.29 4.89
N LEU A 23 -7.81 -0.94 5.28
CA LEU A 23 -8.70 -1.77 6.07
C LEU A 23 -9.05 -1.11 7.40
N LEU A 24 -8.08 -0.39 7.97
CA LEU A 24 -8.27 0.30 9.24
C LEU A 24 -9.03 1.61 9.04
N HIS A 25 -8.90 2.19 7.85
CA HIS A 25 -9.55 3.46 7.55
C HIS A 25 -11.05 3.26 7.26
N PHE A 26 -11.40 2.09 6.73
CA PHE A 26 -12.79 1.79 6.42
C PHE A 26 -13.40 0.88 7.48
N GLY A 27 -12.55 0.23 8.26
CA GLY A 27 -13.02 -0.67 9.29
C GLY A 27 -13.73 -1.88 8.73
N VAL A 28 -13.35 -2.26 7.51
CA VAL A 28 -13.95 -3.40 6.85
C VAL A 28 -13.06 -4.63 6.96
N ILE A 29 -13.07 -5.22 8.14
CA ILE A 29 -12.27 -6.41 8.42
C ILE A 29 -12.63 -7.58 7.51
N GLY A 30 -13.65 -7.37 6.68
CA GLY A 30 -14.08 -8.42 5.77
C GLY A 30 -14.78 -7.88 4.53
N PRO A 31 -15.97 -7.28 4.69
CA PRO A 31 -16.73 -6.73 3.56
C PRO A 31 -15.96 -5.66 2.81
N GLN A 32 -15.24 -6.07 1.76
CA GLN A 32 -14.46 -5.15 0.96
C GLN A 32 -15.21 -4.77 -0.32
N ARG A 33 -16.54 -4.85 -0.26
CA ARG A 33 -17.37 -4.52 -1.41
C ARG A 33 -17.39 -3.01 -1.67
N ARG A 1 22.56 4.17 -10.19
CA ARG A 1 21.36 4.74 -10.85
C ARG A 1 20.22 3.73 -10.89
N ARG A 2 19.06 4.13 -10.37
CA ARG A 2 17.89 3.26 -10.34
C ARG A 2 17.14 3.31 -11.67
N CYS A 3 16.69 2.15 -12.14
CA CYS A 3 15.95 2.06 -13.39
C CYS A 3 14.45 1.98 -13.12
N LEU A 4 13.68 1.74 -14.18
CA LEU A 4 12.23 1.64 -14.06
C LEU A 4 11.85 0.52 -13.08
N PHE A 5 12.56 -0.59 -13.17
CA PHE A 5 12.30 -1.74 -12.30
C PHE A 5 12.54 -1.39 -10.84
N LEU A 6 13.72 -0.86 -10.55
CA LEU A 6 14.08 -0.47 -9.19
C LEU A 6 13.10 0.58 -8.64
N SER A 7 12.58 1.41 -9.53
CA SER A 7 11.63 2.45 -9.14
C SER A 7 10.29 1.82 -8.73
N LEU A 8 9.95 0.71 -9.37
CA LEU A 8 8.70 0.01 -9.07
C LEU A 8 8.78 -0.67 -7.71
N PHE A 9 10.00 -0.91 -7.25
CA PHE A 9 10.23 -1.55 -5.95
C PHE A 9 9.77 -0.64 -4.81
N SER A 10 9.64 0.66 -5.11
CA SER A 10 9.20 1.62 -4.11
C SER A 10 7.68 1.69 -4.05
N PHE A 11 7.04 1.67 -5.22
CA PHE A 11 5.58 1.72 -5.28
C PHE A 11 4.96 0.49 -4.65
N LEU A 12 5.77 -0.56 -4.49
CA LEU A 12 5.29 -1.79 -3.89
C LEU A 12 5.23 -1.64 -2.37
N ILE A 13 6.16 -0.88 -1.83
CA ILE A 13 6.22 -0.64 -0.39
C ILE A 13 5.12 0.32 0.03
N VAL A 14 4.81 1.27 -0.84
CA VAL A 14 3.76 2.26 -0.56
C VAL A 14 2.38 1.62 -0.67
N LEU A 15 2.27 0.60 -1.51
CA LEU A 15 1.01 -0.10 -1.70
C LEU A 15 0.78 -1.12 -0.59
N LEU A 16 1.85 -1.84 -0.24
CA LEU A 16 1.77 -2.83 0.82
C LEU A 16 1.21 -2.23 2.10
N LEU A 17 1.47 -0.94 2.31
CA LEU A 17 0.99 -0.24 3.49
C LEU A 17 -0.47 0.17 3.31
N THR A 18 -0.78 0.79 2.18
CA THR A 18 -2.13 1.24 1.90
C THR A 18 -3.12 0.09 1.95
N THR A 19 -2.64 -1.13 1.76
CA THR A 19 -3.50 -2.30 1.80
C THR A 19 -4.12 -2.49 3.18
N LEU A 20 -3.27 -2.51 4.20
CA LEU A 20 -3.73 -2.68 5.57
C LEU A 20 -4.25 -1.36 6.14
N PHE A 21 -3.47 -0.30 5.94
CA PHE A 21 -3.84 1.02 6.44
C PHE A 21 -5.25 1.41 6.00
N CYS A 22 -5.69 0.86 4.86
CA CYS A 22 -7.02 1.14 4.34
C CYS A 22 -8.07 0.28 5.03
N LEU A 23 -7.80 -1.00 5.13
CA LEU A 23 -8.72 -1.95 5.77
C LEU A 23 -8.95 -1.60 7.23
N LEU A 24 -7.97 -0.94 7.84
CA LEU A 24 -8.08 -0.55 9.24
C LEU A 24 -8.93 0.71 9.40
N HIS A 25 -9.01 1.50 8.34
CA HIS A 25 -9.79 2.73 8.36
C HIS A 25 -11.27 2.46 8.12
N PHE A 26 -11.58 1.87 6.97
CA PHE A 26 -12.97 1.55 6.62
C PHE A 26 -13.17 0.06 6.44
N GLY A 27 -12.10 -0.64 6.09
CA GLY A 27 -12.19 -2.07 5.88
C GLY A 27 -12.52 -2.41 4.44
N VAL A 28 -12.60 -1.38 3.60
CA VAL A 28 -12.91 -1.58 2.19
C VAL A 28 -12.34 -0.47 1.31
N ILE A 29 -12.47 0.78 1.78
CA ILE A 29 -11.96 1.93 1.03
C ILE A 29 -11.77 3.14 1.93
N GLY A 30 -10.51 3.43 2.23
CA GLY A 30 -10.19 4.57 3.09
C GLY A 30 -9.71 5.76 2.28
N PRO A 31 -8.51 5.69 1.68
CA PRO A 31 -7.95 6.78 0.89
C PRO A 31 -8.75 7.04 -0.38
N GLN A 32 -8.36 8.07 -1.12
CA GLN A 32 -9.05 8.43 -2.36
C GLN A 32 -8.14 8.19 -3.57
N ARG A 33 -8.34 7.07 -4.25
CA ARG A 33 -7.55 6.73 -5.42
C ARG A 33 -8.44 6.54 -6.64
N ARG A 1 15.76 1.36 -21.73
CA ARG A 1 16.45 2.67 -21.51
C ARG A 1 15.86 3.38 -20.30
N ARG A 2 14.81 2.82 -19.73
CA ARG A 2 14.15 3.42 -18.58
C ARG A 2 14.19 2.47 -17.38
N CYS A 3 14.08 3.04 -16.18
CA CYS A 3 14.09 2.26 -14.95
C CYS A 3 12.68 1.95 -14.47
N LEU A 4 12.12 0.83 -14.91
CA LEU A 4 10.78 0.44 -14.52
C LEU A 4 10.80 -0.34 -13.20
N PHE A 5 11.83 -1.17 -13.03
CA PHE A 5 11.97 -1.96 -11.81
C PHE A 5 12.40 -1.09 -10.65
N LEU A 6 13.31 -0.15 -10.91
CA LEU A 6 13.80 0.75 -9.88
C LEU A 6 12.66 1.54 -9.25
N SER A 7 11.69 1.92 -10.07
CA SER A 7 10.53 2.68 -9.60
C SER A 7 9.58 1.79 -8.81
N LEU A 8 9.42 0.55 -9.27
CA LEU A 8 8.54 -0.41 -8.60
C LEU A 8 9.16 -0.91 -7.31
N PHE A 9 10.43 -0.55 -7.08
CA PHE A 9 11.14 -0.96 -5.87
C PHE A 9 10.61 -0.22 -4.65
N SER A 10 9.98 0.93 -4.88
CA SER A 10 9.45 1.75 -3.80
C SER A 10 7.92 1.75 -3.81
N PHE A 11 7.34 1.54 -5.00
CA PHE A 11 5.89 1.52 -5.15
C PHE A 11 5.30 0.29 -4.50
N LEU A 12 6.15 -0.71 -4.24
CA LEU A 12 5.71 -1.95 -3.62
C LEU A 12 5.50 -1.75 -2.12
N ILE A 13 6.31 -0.87 -1.54
CA ILE A 13 6.21 -0.58 -0.11
C ILE A 13 5.03 0.34 0.19
N VAL A 14 4.71 1.22 -0.77
CA VAL A 14 3.61 2.15 -0.61
C VAL A 14 2.27 1.46 -0.82
N LEU A 15 2.28 0.38 -1.59
CA LEU A 15 1.07 -0.38 -1.88
C LEU A 15 0.78 -1.37 -0.76
N LEU A 16 1.81 -2.06 -0.30
CA LEU A 16 1.67 -3.05 0.77
C LEU A 16 1.05 -2.39 2.01
N LEU A 17 1.49 -1.16 2.30
CA LEU A 17 0.98 -0.43 3.44
C LEU A 17 -0.48 -0.04 3.27
N THR A 18 -0.79 0.56 2.12
CA THR A 18 -2.15 0.99 1.83
C THR A 18 -3.15 -0.17 1.91
N THR A 19 -2.64 -1.39 1.76
CA THR A 19 -3.49 -2.57 1.82
C THR A 19 -4.18 -2.69 3.18
N LEU A 20 -3.36 -2.73 4.23
CA LEU A 20 -3.88 -2.86 5.59
C LEU A 20 -4.27 -1.49 6.14
N PHE A 21 -3.67 -0.44 5.60
CA PHE A 21 -3.94 0.92 6.04
C PHE A 21 -5.37 1.34 5.68
N CYS A 22 -5.84 0.85 4.54
CA CYS A 22 -7.19 1.17 4.08
C CYS A 22 -8.23 0.30 4.75
N LEU A 23 -8.00 -1.02 4.74
CA LEU A 23 -8.92 -1.97 5.35
C LEU A 23 -9.20 -1.61 6.81
N LEU A 24 -8.16 -1.10 7.49
CA LEU A 24 -8.29 -0.71 8.88
C LEU A 24 -8.95 0.67 9.03
N HIS A 25 -8.69 1.54 8.06
CA HIS A 25 -9.25 2.89 8.07
C HIS A 25 -10.78 2.84 8.00
N PHE A 26 -11.29 2.18 6.97
CA PHE A 26 -12.73 2.06 6.78
C PHE A 26 -13.32 1.03 7.71
N GLY A 27 -12.50 0.07 8.13
CA GLY A 27 -12.95 -0.98 9.02
C GLY A 27 -14.00 -1.87 8.39
N VAL A 28 -13.99 -1.95 7.05
CA VAL A 28 -14.95 -2.76 6.33
C VAL A 28 -14.94 -4.21 6.83
N ILE A 29 -13.74 -4.75 7.01
CA ILE A 29 -13.58 -6.13 7.49
C ILE A 29 -12.17 -6.36 7.99
N GLY A 30 -11.96 -6.08 9.27
CA GLY A 30 -10.64 -6.27 9.86
C GLY A 30 -10.70 -6.72 11.31
N PRO A 31 -10.98 -5.79 12.24
CA PRO A 31 -11.05 -6.12 13.67
C PRO A 31 -12.25 -7.00 14.01
N GLN A 32 -13.08 -7.27 13.02
CA GLN A 32 -14.27 -8.10 13.19
C GLN A 32 -15.20 -7.50 14.24
N ARG A 33 -15.04 -6.21 14.50
CA ARG A 33 -15.88 -5.53 15.49
C ARG A 33 -17.19 -5.06 14.86
N ARG A 1 15.18 14.38 -9.67
CA ARG A 1 15.73 13.73 -8.45
C ARG A 1 15.17 12.32 -8.28
N ARG A 2 13.97 12.10 -8.81
CA ARG A 2 13.32 10.80 -8.72
C ARG A 2 13.90 9.82 -9.74
N CYS A 3 14.05 8.57 -9.33
CA CYS A 3 14.60 7.54 -10.21
C CYS A 3 13.50 6.60 -10.70
N LEU A 4 13.52 6.32 -12.01
CA LEU A 4 12.53 5.44 -12.62
C LEU A 4 12.66 4.02 -12.11
N PHE A 5 13.89 3.64 -11.73
CA PHE A 5 14.15 2.30 -11.22
C PHE A 5 13.71 2.18 -9.77
N LEU A 6 13.94 3.23 -8.99
CA LEU A 6 13.58 3.24 -7.58
C LEU A 6 12.06 3.36 -7.42
N SER A 7 11.41 3.93 -8.43
CA SER A 7 9.96 4.09 -8.41
C SER A 7 9.26 2.75 -8.32
N LEU A 8 9.80 1.75 -9.03
CA LEU A 8 9.23 0.41 -9.02
C LEU A 8 9.53 -0.30 -7.70
N PHE A 9 10.70 0.02 -7.13
CA PHE A 9 11.11 -0.58 -5.86
C PHE A 9 10.21 -0.12 -4.72
N SER A 10 9.80 1.14 -4.77
CA SER A 10 8.91 1.70 -3.75
C SER A 10 7.47 1.33 -4.03
N PHE A 11 7.21 0.89 -5.26
CA PHE A 11 5.87 0.50 -5.67
C PHE A 11 5.42 -0.73 -4.90
N LEU A 12 6.37 -1.44 -4.30
CA LEU A 12 6.08 -2.63 -3.53
C LEU A 12 5.67 -2.24 -2.11
N ILE A 13 6.38 -1.26 -1.56
CA ILE A 13 6.11 -0.79 -0.20
C ILE A 13 4.79 -0.02 -0.16
N VAL A 14 4.45 0.64 -1.26
CA VAL A 14 3.22 1.42 -1.34
C VAL A 14 1.99 0.52 -1.42
N LEU A 15 2.15 -0.66 -2.02
CA LEU A 15 1.04 -1.60 -2.16
C LEU A 15 0.79 -2.37 -0.87
N LEU A 16 1.83 -3.03 -0.37
CA LEU A 16 1.72 -3.81 0.86
C LEU A 16 1.20 -2.98 2.03
N LEU A 17 1.39 -1.66 1.94
CA LEU A 17 0.94 -0.76 3.00
C LEU A 17 -0.54 -0.39 2.83
N THR A 18 -0.92 -0.02 1.61
CA THR A 18 -2.30 0.37 1.34
C THR A 18 -3.28 -0.73 1.71
N THR A 19 -2.81 -1.97 1.76
CA THR A 19 -3.67 -3.10 2.09
C THR A 19 -4.28 -2.93 3.48
N LEU A 20 -3.43 -2.84 4.49
CA LEU A 20 -3.87 -2.68 5.86
C LEU A 20 -4.31 -1.25 6.15
N PHE A 21 -3.55 -0.30 5.62
CA PHE A 21 -3.84 1.12 5.82
C PHE A 21 -5.27 1.46 5.38
N CYS A 22 -5.79 0.74 4.40
CA CYS A 22 -7.14 0.99 3.90
C CYS A 22 -8.19 0.32 4.80
N LEU A 23 -7.86 -0.89 5.26
CA LEU A 23 -8.78 -1.65 6.11
C LEU A 23 -8.91 -1.02 7.50
N LEU A 24 -7.89 -0.27 7.89
CA LEU A 24 -7.89 0.39 9.20
C LEU A 24 -8.72 1.67 9.16
N HIS A 25 -8.54 2.46 8.11
CA HIS A 25 -9.27 3.72 7.97
C HIS A 25 -10.71 3.47 7.52
N PHE A 26 -10.94 2.35 6.84
CA PHE A 26 -12.28 2.02 6.36
C PHE A 26 -13.12 1.43 7.49
N GLY A 27 -12.44 0.82 8.47
CA GLY A 27 -13.13 0.23 9.60
C GLY A 27 -13.95 -0.99 9.23
N VAL A 28 -13.55 -1.69 8.17
CA VAL A 28 -14.26 -2.88 7.73
C VAL A 28 -14.48 -3.84 8.88
N ILE A 29 -13.47 -3.97 9.73
CA ILE A 29 -13.55 -4.85 10.90
C ILE A 29 -12.82 -4.25 12.09
N GLY A 30 -12.36 -3.01 11.92
CA GLY A 30 -11.65 -2.33 12.99
C GLY A 30 -11.77 -0.82 12.88
N PRO A 31 -12.91 -0.25 13.33
CA PRO A 31 -13.15 1.20 13.28
C PRO A 31 -12.14 1.98 14.13
N GLN A 32 -11.09 2.48 13.49
CA GLN A 32 -10.07 3.25 14.17
C GLN A 32 -10.15 4.72 13.80
N ARG A 33 -11.28 5.12 13.24
CA ARG A 33 -11.49 6.51 12.83
C ARG A 33 -11.53 7.43 14.04
N ARG A 1 18.29 8.99 -19.09
CA ARG A 1 18.20 7.68 -18.40
C ARG A 1 17.29 7.76 -17.18
N ARG A 2 16.06 7.27 -17.34
CA ARG A 2 15.09 7.28 -16.25
C ARG A 2 15.23 6.03 -15.39
N CYS A 3 14.83 6.13 -14.13
CA CYS A 3 14.92 5.01 -13.21
C CYS A 3 13.56 4.31 -13.08
N LEU A 4 13.35 3.28 -13.89
CA LEU A 4 12.10 2.53 -13.87
C LEU A 4 12.12 1.50 -12.75
N PHE A 5 13.22 0.77 -12.64
CA PHE A 5 13.37 -0.26 -11.61
C PHE A 5 13.27 0.35 -10.21
N LEU A 6 13.98 1.45 -10.00
CA LEU A 6 13.98 2.13 -8.70
C LEU A 6 12.57 2.60 -8.35
N SER A 7 11.80 2.99 -9.37
CA SER A 7 10.44 3.47 -9.16
C SER A 7 9.52 2.32 -8.79
N LEU A 8 9.82 1.13 -9.30
CA LEU A 8 9.03 -0.05 -9.02
C LEU A 8 9.36 -0.62 -7.64
N PHE A 9 10.53 -0.25 -7.14
CA PHE A 9 10.98 -0.72 -5.82
C PHE A 9 10.22 -0.01 -4.71
N SER A 10 9.83 1.24 -4.96
CA SER A 10 9.10 2.03 -3.98
C SER A 10 7.59 1.88 -4.19
N PHE A 11 7.20 1.01 -5.11
CA PHE A 11 5.80 0.79 -5.40
C PHE A 11 5.29 -0.45 -4.67
N LEU A 12 6.21 -1.30 -4.25
CA LEU A 12 5.86 -2.51 -3.53
C LEU A 12 5.60 -2.22 -2.05
N ILE A 13 6.37 -1.29 -1.51
CA ILE A 13 6.23 -0.90 -0.10
C ILE A 13 5.00 -0.01 0.08
N VAL A 14 4.67 0.75 -0.95
CA VAL A 14 3.53 1.66 -0.90
C VAL A 14 2.22 0.89 -1.05
N LEU A 15 2.29 -0.29 -1.66
CA LEU A 15 1.12 -1.12 -1.87
C LEU A 15 0.77 -1.91 -0.61
N LEU A 16 1.77 -2.62 -0.07
CA LEU A 16 1.58 -3.42 1.14
C LEU A 16 1.00 -2.58 2.28
N LEU A 17 1.39 -1.31 2.32
CA LEU A 17 0.91 -0.41 3.37
C LEU A 17 -0.54 0.01 3.10
N THR A 18 -0.80 0.47 1.88
CA THR A 18 -2.15 0.91 1.51
C THR A 18 -3.16 -0.21 1.66
N THR A 19 -2.69 -1.46 1.63
CA THR A 19 -3.58 -2.61 1.76
C THR A 19 -4.24 -2.66 3.14
N LEU A 20 -3.41 -2.71 4.18
CA LEU A 20 -3.91 -2.77 5.54
C LEU A 20 -4.39 -1.40 6.02
N PHE A 21 -3.63 -0.36 5.71
CA PHE A 21 -3.98 1.01 6.11
C PHE A 21 -5.37 1.40 5.63
N CYS A 22 -5.78 0.83 4.50
CA CYS A 22 -7.10 1.13 3.94
C CYS A 22 -8.19 0.33 4.65
N LEU A 23 -7.92 -0.93 4.91
CA LEU A 23 -8.88 -1.81 5.58
C LEU A 23 -9.10 -1.36 7.02
N LEU A 24 -8.09 -0.73 7.61
CA LEU A 24 -8.17 -0.27 8.99
C LEU A 24 -8.93 1.06 9.08
N HIS A 25 -8.63 1.97 8.14
CA HIS A 25 -9.27 3.27 8.11
C HIS A 25 -10.78 3.14 7.92
N PHE A 26 -11.19 2.27 7.01
CA PHE A 26 -12.61 2.07 6.74
C PHE A 26 -13.23 1.10 7.74
N GLY A 27 -12.39 0.25 8.34
CA GLY A 27 -12.88 -0.72 9.32
C GLY A 27 -13.77 -1.77 8.70
N VAL A 28 -13.55 -2.05 7.42
CA VAL A 28 -14.34 -3.04 6.69
C VAL A 28 -14.42 -4.36 7.44
N ILE A 29 -13.28 -4.80 7.98
CA ILE A 29 -13.22 -6.05 8.72
C ILE A 29 -12.16 -5.99 9.83
N GLY A 30 -11.15 -6.87 9.76
CA GLY A 30 -10.12 -6.87 10.77
C GLY A 30 -10.31 -7.99 11.78
N PRO A 31 -10.07 -9.25 11.38
CA PRO A 31 -10.23 -10.41 12.28
C PRO A 31 -9.25 -10.40 13.44
N GLN A 32 -7.99 -10.67 13.14
CA GLN A 32 -6.95 -10.70 14.17
C GLN A 32 -5.56 -10.70 13.53
N ARG A 33 -5.44 -10.05 12.37
CA ARG A 33 -4.17 -9.97 11.67
C ARG A 33 -3.70 -8.53 11.55
N ARG A 1 13.72 12.25 -14.81
CA ARG A 1 15.02 12.25 -14.09
C ARG A 1 15.25 10.90 -13.42
N ARG A 2 14.19 10.31 -12.90
CA ARG A 2 14.28 9.01 -12.22
C ARG A 2 13.90 7.88 -13.18
N CYS A 3 14.35 6.67 -12.85
CA CYS A 3 14.07 5.50 -13.67
C CYS A 3 12.76 4.84 -13.25
N LEU A 4 11.96 4.45 -14.23
CA LEU A 4 10.67 3.81 -13.97
C LEU A 4 10.86 2.43 -13.36
N PHE A 5 12.06 1.88 -13.49
CA PHE A 5 12.36 0.56 -12.96
C PHE A 5 12.72 0.63 -11.47
N LEU A 6 13.16 1.79 -11.03
CA LEU A 6 13.53 2.01 -9.63
C LEU A 6 12.34 2.44 -8.80
N SER A 7 11.65 3.49 -9.27
CA SER A 7 10.49 4.00 -8.56
C SER A 7 9.44 2.90 -8.35
N LEU A 8 9.46 1.90 -9.22
CA LEU A 8 8.53 0.79 -9.12
C LEU A 8 8.81 -0.03 -7.86
N PHE A 9 10.10 -0.15 -7.53
CA PHE A 9 10.51 -0.91 -6.34
C PHE A 9 9.86 -0.32 -5.09
N SER A 10 9.63 0.98 -5.10
CA SER A 10 9.02 1.66 -3.96
C SER A 10 7.50 1.56 -4.01
N PHE A 11 6.98 1.25 -5.20
CA PHE A 11 5.54 1.12 -5.38
C PHE A 11 5.03 -0.17 -4.76
N LEU A 12 5.94 -1.10 -4.47
CA LEU A 12 5.57 -2.36 -3.86
C LEU A 12 5.47 -2.20 -2.35
N ILE A 13 6.40 -1.44 -1.78
CA ILE A 13 6.42 -1.18 -0.35
C ILE A 13 5.18 -0.39 0.08
N VAL A 14 4.75 0.51 -0.81
CA VAL A 14 3.57 1.32 -0.53
C VAL A 14 2.30 0.49 -0.61
N LEU A 15 2.37 -0.59 -1.37
CA LEU A 15 1.22 -1.49 -1.53
C LEU A 15 0.94 -2.26 -0.24
N LEU A 16 1.97 -2.93 0.27
CA LEU A 16 1.84 -3.70 1.50
C LEU A 16 1.28 -2.85 2.63
N LEU A 17 1.63 -1.57 2.62
CA LEU A 17 1.17 -0.63 3.64
C LEU A 17 -0.28 -0.25 3.42
N THR A 18 -0.59 0.23 2.21
CA THR A 18 -1.94 0.64 1.86
C THR A 18 -2.95 -0.49 2.07
N THR A 19 -2.46 -1.73 2.05
CA THR A 19 -3.33 -2.88 2.23
C THR A 19 -4.01 -2.86 3.59
N LEU A 20 -3.20 -2.86 4.65
CA LEU A 20 -3.73 -2.85 6.01
C LEU A 20 -4.13 -1.44 6.45
N PHE A 21 -3.48 -0.44 5.87
CA PHE A 21 -3.77 0.95 6.21
C PHE A 21 -5.14 1.37 5.69
N CYS A 22 -5.57 0.78 4.59
CA CYS A 22 -6.87 1.10 3.99
C CYS A 22 -7.99 0.35 4.71
N LEU A 23 -7.79 -0.95 4.93
CA LEU A 23 -8.79 -1.77 5.61
C LEU A 23 -9.14 -1.19 6.98
N LEU A 24 -8.14 -0.59 7.63
CA LEU A 24 -8.35 0.01 8.94
C LEU A 24 -8.98 1.39 8.82
N HIS A 25 -8.77 2.03 7.68
CA HIS A 25 -9.32 3.36 7.44
C HIS A 25 -10.83 3.29 7.16
N PHE A 26 -11.20 2.56 6.10
CA PHE A 26 -12.59 2.41 5.73
C PHE A 26 -13.36 1.63 6.79
N GLY A 27 -12.63 0.81 7.55
CA GLY A 27 -13.24 0.03 8.60
C GLY A 27 -14.06 -1.13 8.06
N VAL A 28 -13.73 -1.59 6.87
CA VAL A 28 -14.44 -2.71 6.24
C VAL A 28 -14.42 -3.94 7.14
N ILE A 29 -13.26 -4.22 7.71
CA ILE A 29 -13.09 -5.36 8.61
C ILE A 29 -11.83 -5.21 9.46
N GLY A 30 -11.99 -4.58 10.62
CA GLY A 30 -10.85 -4.37 11.50
C GLY A 30 -11.23 -4.49 12.96
N PRO A 31 -11.88 -3.47 13.54
CA PRO A 31 -12.29 -3.47 14.95
C PRO A 31 -13.29 -4.59 15.25
N GLN A 32 -13.77 -4.63 16.49
CA GLN A 32 -14.74 -5.64 16.90
C GLN A 32 -15.99 -4.98 17.47
N ARG A 33 -16.30 -3.79 16.96
CA ARG A 33 -17.48 -3.05 17.41
C ARG A 33 -18.14 -2.32 16.25
N ARG A 1 16.51 9.92 -16.70
CA ARG A 1 16.42 10.58 -15.37
C ARG A 1 15.98 9.60 -14.30
N ARG A 2 14.70 9.20 -14.35
CA ARG A 2 14.15 8.27 -13.38
C ARG A 2 14.33 6.83 -13.84
N CYS A 3 14.58 5.94 -12.88
CA CYS A 3 14.77 4.52 -13.19
C CYS A 3 13.47 3.75 -13.00
N LEU A 4 12.98 3.18 -14.10
CA LEU A 4 11.74 2.41 -14.07
C LEU A 4 11.90 1.12 -13.27
N PHE A 5 13.16 0.74 -13.02
CA PHE A 5 13.45 -0.47 -12.26
C PHE A 5 13.48 -0.19 -10.77
N LEU A 6 13.92 1.02 -10.41
CA LEU A 6 14.00 1.41 -9.00
C LEU A 6 12.68 1.97 -8.50
N SER A 7 11.91 2.55 -9.41
CA SER A 7 10.62 3.14 -9.06
C SER A 7 9.61 2.05 -8.70
N LEU A 8 9.77 0.89 -9.31
CA LEU A 8 8.88 -0.25 -9.05
C LEU A 8 9.12 -0.84 -7.66
N PHE A 9 10.32 -0.62 -7.14
CA PHE A 9 10.70 -1.14 -5.83
C PHE A 9 10.08 -0.29 -4.72
N SER A 10 9.87 0.99 -5.01
CA SER A 10 9.29 1.91 -4.04
C SER A 10 7.76 1.79 -4.02
N PHE A 11 7.19 1.34 -5.13
CA PHE A 11 5.75 1.18 -5.23
C PHE A 11 5.27 -0.05 -4.47
N LEU A 12 6.18 -1.00 -4.29
CA LEU A 12 5.87 -2.24 -3.57
C LEU A 12 5.66 -1.94 -2.09
N ILE A 13 6.32 -0.90 -1.60
CA ILE A 13 6.22 -0.52 -0.20
C ILE A 13 4.96 0.31 0.05
N VAL A 14 4.58 1.13 -0.92
CA VAL A 14 3.41 1.98 -0.80
C VAL A 14 2.12 1.19 -0.99
N LEU A 15 2.22 0.05 -1.66
CA LEU A 15 1.05 -0.80 -1.91
C LEU A 15 0.75 -1.68 -0.70
N LEU A 16 1.76 -2.42 -0.25
CA LEU A 16 1.60 -3.31 0.90
C LEU A 16 1.17 -2.54 2.15
N LEU A 17 1.49 -1.25 2.18
CA LEU A 17 1.14 -0.41 3.30
C LEU A 17 -0.31 0.07 3.21
N THR A 18 -0.71 0.54 2.03
CA THR A 18 -2.06 1.03 1.82
C THR A 18 -3.09 -0.09 1.94
N THR A 19 -2.64 -1.33 1.74
CA THR A 19 -3.54 -2.48 1.82
C THR A 19 -4.16 -2.59 3.21
N LEU A 20 -3.32 -2.68 4.24
CA LEU A 20 -3.80 -2.81 5.60
C LEU A 20 -4.22 -1.44 6.16
N PHE A 21 -3.66 -0.37 5.61
CA PHE A 21 -3.98 0.97 6.05
C PHE A 21 -5.41 1.36 5.68
N CYS A 22 -5.88 0.85 4.54
CA CYS A 22 -7.22 1.14 4.07
C CYS A 22 -8.25 0.26 4.77
N LEU A 23 -7.94 -1.01 4.91
CA LEU A 23 -8.84 -1.97 5.56
C LEU A 23 -9.10 -1.55 7.00
N LEU A 24 -8.10 -0.96 7.64
CA LEU A 24 -8.22 -0.52 9.02
C LEU A 24 -8.95 0.82 9.10
N HIS A 25 -8.67 1.70 8.17
CA HIS A 25 -9.30 3.02 8.13
C HIS A 25 -10.81 2.91 7.95
N PHE A 26 -11.22 2.27 6.86
CA PHE A 26 -12.64 2.10 6.57
C PHE A 26 -13.26 1.06 7.50
N GLY A 27 -12.44 0.15 8.00
CA GLY A 27 -12.91 -0.88 8.91
C GLY A 27 -13.86 -1.86 8.24
N VAL A 28 -13.71 -2.04 6.93
CA VAL A 28 -14.55 -2.96 6.18
C VAL A 28 -14.52 -4.37 6.79
N ILE A 29 -13.32 -4.82 7.13
CA ILE A 29 -13.14 -6.14 7.74
C ILE A 29 -11.78 -6.25 8.42
N GLY A 30 -11.77 -5.95 9.72
CA GLY A 30 -10.52 -6.03 10.47
C GLY A 30 -10.54 -5.16 11.72
N PRO A 31 -11.27 -5.59 12.77
CA PRO A 31 -11.35 -4.83 14.02
C PRO A 31 -10.03 -4.83 14.78
N GLN A 32 -10.11 -4.58 16.09
CA GLN A 32 -8.93 -4.53 16.94
C GLN A 32 -9.27 -4.90 18.37
N ARG A 33 -10.30 -5.74 18.54
CA ARG A 33 -10.73 -6.16 19.87
C ARG A 33 -10.34 -7.61 20.12
N ARG A 1 16.62 5.05 -20.40
CA ARG A 1 17.28 3.97 -19.63
C ARG A 1 17.04 4.14 -18.13
N ARG A 2 15.89 4.72 -17.79
CA ARG A 2 15.54 4.94 -16.39
C ARG A 2 15.30 3.62 -15.67
N CYS A 3 15.79 3.52 -14.45
CA CYS A 3 15.64 2.32 -13.64
C CYS A 3 14.17 2.05 -13.34
N LEU A 4 13.56 1.17 -14.12
CA LEU A 4 12.15 0.83 -13.94
C LEU A 4 11.97 -0.27 -12.89
N PHE A 5 12.73 -1.35 -13.04
CA PHE A 5 12.66 -2.47 -12.11
C PHE A 5 13.05 -2.05 -10.70
N LEU A 6 13.85 -0.99 -10.59
CA LEU A 6 14.29 -0.48 -9.30
C LEU A 6 13.26 0.48 -8.70
N SER A 7 12.77 1.39 -9.55
CA SER A 7 11.77 2.37 -9.11
C SER A 7 10.47 1.68 -8.75
N LEU A 8 10.25 0.49 -9.30
CA LEU A 8 9.03 -0.27 -9.03
C LEU A 8 9.03 -0.79 -7.59
N PHE A 9 10.20 -0.79 -6.97
CA PHE A 9 10.34 -1.26 -5.60
C PHE A 9 9.69 -0.30 -4.61
N SER A 10 9.65 0.98 -4.97
CA SER A 10 9.05 1.99 -4.11
C SER A 10 7.53 1.86 -4.07
N PHE A 11 6.93 1.75 -5.25
CA PHE A 11 5.48 1.61 -5.35
C PHE A 11 4.99 0.35 -4.67
N LEU A 12 5.91 -0.60 -4.48
CA LEU A 12 5.58 -1.86 -3.83
C LEU A 12 5.43 -1.66 -2.32
N ILE A 13 6.20 -0.73 -1.78
CA ILE A 13 6.16 -0.43 -0.36
C ILE A 13 4.96 0.45 -0.03
N VAL A 14 4.64 1.37 -0.94
CA VAL A 14 3.52 2.29 -0.75
C VAL A 14 2.19 1.57 -0.92
N LEU A 15 2.20 0.47 -1.68
CA LEU A 15 0.99 -0.30 -1.91
C LEU A 15 0.74 -1.29 -0.78
N LEU A 16 1.79 -2.01 -0.40
CA LEU A 16 1.71 -2.99 0.68
C LEU A 16 1.17 -2.35 1.96
N LEU A 17 1.41 -1.05 2.12
CA LEU A 17 0.95 -0.34 3.30
C LEU A 17 -0.50 0.12 3.14
N THR A 18 -0.80 0.72 2.00
CA THR A 18 -2.16 1.20 1.73
C THR A 18 -3.20 0.09 1.85
N THR A 19 -2.78 -1.14 1.55
CA THR A 19 -3.68 -2.28 1.63
C THR A 19 -4.26 -2.45 3.03
N LEU A 20 -3.38 -2.65 4.01
CA LEU A 20 -3.79 -2.84 5.39
C LEU A 20 -4.24 -1.53 6.03
N PHE A 21 -3.49 -0.45 5.78
CA PHE A 21 -3.82 0.86 6.34
C PHE A 21 -5.24 1.28 5.99
N CYS A 22 -5.65 1.03 4.74
CA CYS A 22 -6.99 1.40 4.30
C CYS A 22 -8.05 0.53 4.96
N LEU A 23 -7.72 -0.73 5.19
CA LEU A 23 -8.65 -1.68 5.81
C LEU A 23 -8.98 -1.26 7.24
N LEU A 24 -7.96 -0.89 8.00
CA LEU A 24 -8.15 -0.48 9.38
C LEU A 24 -9.15 0.68 9.47
N HIS A 25 -9.02 1.63 8.56
CA HIS A 25 -9.92 2.78 8.52
C HIS A 25 -11.22 2.45 7.81
N PHE A 26 -11.20 1.41 6.98
CA PHE A 26 -12.38 0.99 6.24
C PHE A 26 -13.35 0.24 7.14
N GLY A 27 -12.81 -0.38 8.18
CA GLY A 27 -13.65 -1.13 9.12
C GLY A 27 -14.01 -2.50 8.60
N VAL A 28 -13.15 -3.07 7.76
CA VAL A 28 -13.38 -4.40 7.21
C VAL A 28 -13.76 -5.40 8.28
N ILE A 29 -13.15 -5.26 9.46
CA ILE A 29 -13.43 -6.15 10.59
C ILE A 29 -13.52 -5.38 11.89
N GLY A 30 -13.46 -4.06 11.80
CA GLY A 30 -13.54 -3.23 12.99
C GLY A 30 -13.94 -1.79 12.68
N PRO A 31 -15.18 -1.56 12.20
CA PRO A 31 -15.65 -0.21 11.89
C PRO A 31 -15.88 0.64 13.12
N GLN A 32 -16.83 0.21 13.95
CA GLN A 32 -17.15 0.92 15.19
C GLN A 32 -17.49 2.39 14.90
N ARG A 33 -18.75 2.65 14.56
CA ARG A 33 -19.19 4.00 14.26
C ARG A 33 -19.86 4.64 15.48
N ARG A 1 21.19 6.77 -10.93
CA ARG A 1 20.22 6.63 -12.04
C ARG A 1 19.02 5.79 -11.63
N ARG A 2 17.83 6.24 -11.99
CA ARG A 2 16.60 5.52 -11.65
C ARG A 2 15.90 5.02 -12.90
N CYS A 3 15.62 3.72 -12.94
CA CYS A 3 14.95 3.10 -14.08
C CYS A 3 13.47 2.89 -13.80
N LEU A 4 12.76 2.31 -14.76
CA LEU A 4 11.33 2.05 -14.62
C LEU A 4 11.08 1.07 -13.48
N PHE A 5 11.69 -0.11 -13.56
CA PHE A 5 11.53 -1.14 -12.55
C PHE A 5 12.17 -0.70 -11.23
N LEU A 6 13.25 0.07 -11.34
CA LEU A 6 13.96 0.57 -10.15
C LEU A 6 13.04 1.41 -9.28
N SER A 7 12.29 2.31 -9.91
CA SER A 7 11.37 3.17 -9.19
C SER A 7 10.09 2.41 -8.82
N LEU A 8 9.83 1.32 -9.54
CA LEU A 8 8.66 0.50 -9.29
C LEU A 8 8.74 -0.20 -7.94
N PHE A 9 9.94 -0.25 -7.38
CA PHE A 9 10.16 -0.90 -6.09
C PHE A 9 9.57 -0.08 -4.96
N SER A 10 9.44 1.24 -5.18
CA SER A 10 8.89 2.13 -4.17
C SER A 10 7.38 1.94 -4.03
N PHE A 11 6.72 1.66 -5.15
CA PHE A 11 5.28 1.45 -5.14
C PHE A 11 4.91 0.15 -4.44
N LEU A 12 5.84 -0.79 -4.44
CA LEU A 12 5.61 -2.08 -3.81
C LEU A 12 5.55 -1.91 -2.30
N ILE A 13 6.40 -1.04 -1.76
CA ILE A 13 6.44 -0.78 -0.33
C ILE A 13 5.20 -0.02 0.11
N VAL A 14 4.79 0.96 -0.70
CA VAL A 14 3.62 1.77 -0.38
C VAL A 14 2.34 0.95 -0.53
N LEU A 15 2.43 -0.12 -1.31
CA LEU A 15 1.27 -0.99 -1.54
C LEU A 15 1.06 -1.94 -0.35
N LEU A 16 2.13 -2.61 0.07
CA LEU A 16 2.07 -3.55 1.18
C LEU A 16 1.44 -2.90 2.42
N LEU A 17 1.70 -1.61 2.62
CA LEU A 17 1.17 -0.89 3.77
C LEU A 17 -0.27 -0.43 3.53
N THR A 18 -0.51 0.17 2.36
CA THR A 18 -1.85 0.66 2.02
C THR A 18 -2.90 -0.44 2.11
N THR A 19 -2.45 -1.70 1.99
CA THR A 19 -3.37 -2.83 2.06
C THR A 19 -4.11 -2.86 3.39
N LEU A 20 -3.37 -2.95 4.48
CA LEU A 20 -3.96 -3.00 5.81
C LEU A 20 -4.37 -1.61 6.29
N PHE A 21 -3.50 -0.62 6.07
CA PHE A 21 -3.77 0.75 6.49
C PHE A 21 -5.11 1.25 5.95
N CYS A 22 -5.52 0.72 4.80
CA CYS A 22 -6.80 1.13 4.19
C CYS A 22 -7.98 0.40 4.83
N LEU A 23 -7.85 -0.92 4.96
CA LEU A 23 -8.90 -1.74 5.54
C LEU A 23 -9.25 -1.28 6.96
N LEU A 24 -8.28 -0.70 7.64
CA LEU A 24 -8.47 -0.22 9.01
C LEU A 24 -9.18 1.14 9.02
N HIS A 25 -8.99 1.91 7.95
CA HIS A 25 -9.60 3.23 7.86
C HIS A 25 -11.06 3.15 7.42
N PHE A 26 -11.31 2.45 6.31
CA PHE A 26 -12.67 2.31 5.79
C PHE A 26 -13.54 1.45 6.69
N GLY A 27 -12.90 0.57 7.46
CA GLY A 27 -13.65 -0.30 8.36
C GLY A 27 -14.44 -1.35 7.62
N VAL A 28 -13.94 -1.73 6.44
CA VAL A 28 -14.58 -2.73 5.58
C VAL A 28 -15.26 -3.83 6.40
N ILE A 29 -14.57 -4.33 7.41
CA ILE A 29 -15.13 -5.38 8.26
C ILE A 29 -14.64 -5.25 9.70
N GLY A 30 -15.42 -4.54 10.51
CA GLY A 30 -15.07 -4.35 11.91
C GLY A 30 -15.76 -3.15 12.53
N PRO A 31 -17.10 -3.17 12.64
CA PRO A 31 -17.86 -2.06 13.23
C PRO A 31 -17.87 -2.10 14.75
N GLN A 32 -16.74 -1.73 15.36
CA GLN A 32 -16.62 -1.72 16.81
C GLN A 32 -17.61 -0.74 17.44
N ARG A 33 -17.96 0.28 16.67
CA ARG A 33 -18.90 1.30 17.15
C ARG A 33 -20.35 0.83 16.98
N ARG A 1 14.07 11.60 -13.31
CA ARG A 1 14.33 11.91 -11.88
C ARG A 1 14.59 10.63 -11.09
N ARG A 2 13.68 9.66 -11.23
CA ARG A 2 13.81 8.39 -10.52
C ARG A 2 14.19 7.28 -11.49
N CYS A 3 14.98 6.33 -11.00
CA CYS A 3 15.43 5.21 -11.82
C CYS A 3 14.35 4.14 -11.93
N LEU A 4 14.51 3.21 -12.87
CA LEU A 4 13.54 2.14 -13.06
C LEU A 4 13.28 1.39 -11.76
N PHE A 5 14.35 0.85 -11.17
CA PHE A 5 14.23 0.12 -9.91
C PHE A 5 13.85 1.05 -8.76
N LEU A 6 14.21 2.32 -8.90
CA LEU A 6 13.91 3.31 -7.87
C LEU A 6 12.41 3.49 -7.69
N SER A 7 11.69 3.63 -8.81
CA SER A 7 10.25 3.82 -8.76
C SER A 7 9.54 2.52 -8.39
N LEU A 8 10.10 1.39 -8.81
CA LEU A 8 9.52 0.09 -8.52
C LEU A 8 9.69 -0.27 -7.05
N PHE A 9 10.62 0.42 -6.39
CA PHE A 9 10.89 0.18 -4.98
C PHE A 9 9.82 0.82 -4.09
N SER A 10 9.11 1.79 -4.66
CA SER A 10 8.06 2.50 -3.92
C SER A 10 6.71 1.82 -4.08
N PHE A 11 6.47 1.23 -5.25
CA PHE A 11 5.21 0.55 -5.53
C PHE A 11 5.00 -0.64 -4.61
N LEU A 12 5.84 -1.64 -4.77
CA LEU A 12 5.75 -2.87 -3.98
C LEU A 12 5.56 -2.58 -2.50
N ILE A 13 6.20 -1.52 -2.01
CA ILE A 13 6.10 -1.16 -0.59
C ILE A 13 4.82 -0.39 -0.31
N VAL A 14 4.45 0.52 -1.21
CA VAL A 14 3.26 1.33 -1.04
C VAL A 14 2.00 0.49 -1.24
N LEU A 15 2.15 -0.66 -1.88
CA LEU A 15 1.01 -1.55 -2.12
C LEU A 15 0.74 -2.42 -0.91
N LEU A 16 1.79 -3.02 -0.36
CA LEU A 16 1.67 -3.86 0.82
C LEU A 16 1.06 -3.08 1.99
N LEU A 17 1.48 -1.83 2.13
CA LEU A 17 1.00 -0.98 3.20
C LEU A 17 -0.46 -0.60 3.00
N THR A 18 -0.80 -0.16 1.79
CA THR A 18 -2.18 0.24 1.48
C THR A 18 -3.18 -0.86 1.78
N THR A 19 -2.70 -2.11 1.83
CA THR A 19 -3.58 -3.24 2.10
C THR A 19 -4.23 -3.12 3.49
N LEU A 20 -3.39 -3.07 4.52
CA LEU A 20 -3.88 -2.95 5.90
C LEU A 20 -4.24 -1.51 6.24
N PHE A 21 -3.52 -0.58 5.62
CA PHE A 21 -3.75 0.85 5.86
C PHE A 21 -5.16 1.25 5.46
N CYS A 22 -5.65 0.68 4.37
CA CYS A 22 -7.00 0.99 3.89
C CYS A 22 -8.06 0.33 4.76
N LEU A 23 -7.77 -0.87 5.24
CA LEU A 23 -8.70 -1.60 6.09
C LEU A 23 -8.88 -0.88 7.42
N LEU A 24 -7.81 -0.25 7.88
CA LEU A 24 -7.84 0.49 9.15
C LEU A 24 -8.48 1.86 8.94
N HIS A 25 -8.23 2.45 7.77
CA HIS A 25 -8.77 3.76 7.45
C HIS A 25 -10.25 3.68 7.09
N PHE A 26 -10.67 2.52 6.58
CA PHE A 26 -12.06 2.33 6.20
C PHE A 26 -12.88 1.82 7.38
N GLY A 27 -12.21 1.15 8.31
CA GLY A 27 -12.89 0.63 9.48
C GLY A 27 -13.69 -0.62 9.19
N VAL A 28 -13.26 -1.39 8.19
CA VAL A 28 -13.95 -2.62 7.79
C VAL A 28 -14.23 -3.50 9.00
N ILE A 29 -13.28 -3.56 9.92
CA ILE A 29 -13.44 -4.37 11.13
C ILE A 29 -12.69 -3.77 12.31
N GLY A 30 -12.16 -2.56 12.13
CA GLY A 30 -11.42 -1.89 13.18
C GLY A 30 -10.95 -0.51 12.78
N PRO A 31 -11.84 0.50 12.85
CA PRO A 31 -11.49 1.89 12.49
C PRO A 31 -10.39 2.45 13.39
N GLN A 32 -9.15 2.28 12.96
CA GLN A 32 -8.00 2.76 13.73
C GLN A 32 -7.85 4.27 13.59
N ARG A 33 -8.62 4.86 12.68
CA ARG A 33 -8.57 6.30 12.43
C ARG A 33 -9.94 6.94 12.69
N ARG A 1 15.29 8.41 -20.97
CA ARG A 1 15.66 8.03 -19.57
C ARG A 1 14.41 7.75 -18.74
N ARG A 2 14.00 6.49 -18.71
CA ARG A 2 12.82 6.08 -17.95
C ARG A 2 13.13 4.87 -17.07
N CYS A 3 12.88 5.02 -15.77
CA CYS A 3 13.12 3.94 -14.82
C CYS A 3 11.80 3.42 -14.26
N LEU A 4 11.25 2.39 -14.89
CA LEU A 4 9.99 1.80 -14.46
C LEU A 4 10.22 0.83 -13.30
N PHE A 5 11.41 0.25 -13.25
CA PHE A 5 11.76 -0.70 -12.20
C PHE A 5 12.11 0.02 -10.90
N LEU A 6 12.97 1.03 -11.02
CA LEU A 6 13.39 1.80 -9.85
C LEU A 6 12.20 2.49 -9.18
N SER A 7 11.18 2.80 -9.98
CA SER A 7 9.98 3.45 -9.46
C SER A 7 9.05 2.42 -8.83
N LEU A 8 9.14 1.18 -9.27
CA LEU A 8 8.31 0.11 -8.74
C LEU A 8 8.89 -0.46 -7.45
N PHE A 9 10.19 -0.25 -7.25
CA PHE A 9 10.87 -0.74 -6.06
C PHE A 9 10.32 -0.07 -4.79
N SER A 10 9.75 1.11 -4.96
CA SER A 10 9.19 1.85 -3.83
C SER A 10 7.67 1.69 -3.79
N PHE A 11 7.05 1.55 -4.96
CA PHE A 11 5.60 1.40 -5.06
C PHE A 11 5.15 0.12 -4.36
N LEU A 12 6.04 -0.86 -4.30
CA LEU A 12 5.73 -2.14 -3.66
C LEU A 12 5.54 -1.98 -2.16
N ILE A 13 6.47 -1.30 -1.51
CA ILE A 13 6.41 -1.09 -0.08
C ILE A 13 5.15 -0.30 0.30
N VAL A 14 4.86 0.76 -0.46
CA VAL A 14 3.70 1.58 -0.22
C VAL A 14 2.41 0.79 -0.42
N LEU A 15 2.44 -0.11 -1.39
CA LEU A 15 1.27 -0.92 -1.69
C LEU A 15 0.93 -1.85 -0.53
N LEU A 16 1.94 -2.60 -0.07
CA LEU A 16 1.75 -3.53 1.04
C LEU A 16 1.20 -2.82 2.27
N LEU A 17 1.45 -1.51 2.36
CA LEU A 17 0.98 -0.72 3.49
C LEU A 17 -0.48 -0.32 3.31
N THR A 18 -0.81 0.21 2.14
CA THR A 18 -2.17 0.64 1.83
C THR A 18 -3.17 -0.49 2.00
N THR A 19 -2.69 -1.73 1.92
CA THR A 19 -3.55 -2.89 2.07
C THR A 19 -4.22 -2.90 3.44
N LEU A 20 -3.41 -2.93 4.49
CA LEU A 20 -3.92 -2.96 5.86
C LEU A 20 -4.32 -1.56 6.31
N PHE A 21 -3.60 -0.55 5.84
CA PHE A 21 -3.88 0.84 6.19
C PHE A 21 -5.30 1.23 5.78
N CYS A 22 -5.68 0.86 4.56
CA CYS A 22 -7.01 1.17 4.06
C CYS A 22 -8.04 0.24 4.69
N LEU A 23 -7.59 -0.93 5.10
CA LEU A 23 -8.45 -1.92 5.72
C LEU A 23 -8.93 -1.46 7.10
N LEU A 24 -8.08 -0.72 7.79
CA LEU A 24 -8.37 -0.23 9.12
C LEU A 24 -9.26 1.03 9.10
N HIS A 25 -8.82 2.05 8.38
CA HIS A 25 -9.55 3.31 8.32
C HIS A 25 -10.83 3.19 7.48
N PHE A 26 -10.69 2.83 6.22
CA PHE A 26 -11.83 2.69 5.33
C PHE A 26 -12.63 1.44 5.65
N GLY A 27 -12.03 0.55 6.43
CA GLY A 27 -12.70 -0.69 6.81
C GLY A 27 -12.58 -1.75 5.74
N VAL A 28 -12.41 -1.32 4.49
CA VAL A 28 -12.27 -2.24 3.36
C VAL A 28 -12.04 -1.49 2.06
N ILE A 29 -12.91 -0.53 1.75
CA ILE A 29 -12.78 0.26 0.52
C ILE A 29 -13.56 1.57 0.59
N GLY A 30 -14.14 1.87 1.75
CA GLY A 30 -14.90 3.09 1.90
C GLY A 30 -16.35 2.91 1.47
N PRO A 31 -17.11 2.04 2.15
CA PRO A 31 -18.51 1.77 1.83
C PRO A 31 -19.33 3.04 1.67
N GLN A 32 -19.73 3.32 0.43
CA GLN A 32 -20.53 4.50 0.13
C GLN A 32 -21.90 4.11 -0.40
N ARG A 33 -22.83 3.84 0.51
CA ARG A 33 -24.18 3.45 0.14
C ARG A 33 -25.06 4.68 -0.09
N ARG A 1 19.20 7.26 -16.78
CA ARG A 1 19.03 5.79 -16.60
C ARG A 1 18.68 5.46 -15.16
N ARG A 2 17.39 5.20 -14.91
CA ARG A 2 16.93 4.86 -13.57
C ARG A 2 16.86 3.35 -13.38
N CYS A 3 17.40 2.88 -12.27
CA CYS A 3 17.41 1.45 -11.96
C CYS A 3 16.00 0.90 -11.90
N LEU A 4 15.70 -0.06 -12.78
CA LEU A 4 14.38 -0.68 -12.83
C LEU A 4 14.05 -1.39 -11.52
N PHE A 5 15.07 -1.72 -10.75
CA PHE A 5 14.89 -2.40 -9.47
C PHE A 5 14.58 -1.39 -8.37
N LEU A 6 15.13 -0.19 -8.50
CA LEU A 6 14.91 0.86 -7.50
C LEU A 6 13.58 1.55 -7.73
N SER A 7 13.06 1.47 -8.95
CA SER A 7 11.79 2.09 -9.29
C SER A 7 10.63 1.35 -8.63
N LEU A 8 10.65 0.03 -8.73
CA LEU A 8 9.60 -0.80 -8.14
C LEU A 8 9.63 -0.72 -6.62
N PHE A 9 10.73 -0.23 -6.07
CA PHE A 9 10.88 -0.11 -4.63
C PHE A 9 9.87 0.88 -4.05
N SER A 10 9.38 1.78 -4.88
CA SER A 10 8.40 2.78 -4.43
C SER A 10 6.97 2.23 -4.50
N PHE A 11 6.60 1.72 -5.68
CA PHE A 11 5.26 1.17 -5.88
C PHE A 11 4.92 0.12 -4.84
N LEU A 12 5.70 -0.94 -4.83
CA LEU A 12 5.53 -2.05 -3.92
C LEU A 12 5.19 -1.61 -2.49
N ILE A 13 6.02 -0.73 -1.94
CA ILE A 13 5.80 -0.25 -0.57
C ILE A 13 4.45 0.43 -0.42
N VAL A 14 4.17 1.42 -1.27
CA VAL A 14 2.91 2.15 -1.21
C VAL A 14 1.70 1.22 -1.34
N LEU A 15 1.83 0.20 -2.17
CA LEU A 15 0.74 -0.75 -2.39
C LEU A 15 0.50 -1.63 -1.16
N LEU A 16 1.52 -2.42 -0.81
CA LEU A 16 1.42 -3.32 0.34
C LEU A 16 1.03 -2.57 1.61
N LEU A 17 1.29 -1.27 1.64
CA LEU A 17 0.98 -0.45 2.80
C LEU A 17 -0.50 -0.05 2.82
N THR A 18 -1.00 0.39 1.67
CA THR A 18 -2.38 0.83 1.55
C THR A 18 -3.36 -0.32 1.83
N THR A 19 -2.89 -1.56 1.67
CA THR A 19 -3.73 -2.73 1.91
C THR A 19 -4.14 -2.82 3.38
N LEU A 20 -3.16 -2.92 4.26
CA LEU A 20 -3.41 -3.03 5.69
C LEU A 20 -3.82 -1.69 6.30
N PHE A 21 -3.49 -0.61 5.62
CA PHE A 21 -3.81 0.73 6.10
C PHE A 21 -5.28 1.08 5.84
N CYS A 22 -5.77 0.71 4.66
CA CYS A 22 -7.15 1.00 4.29
C CYS A 22 -8.14 0.16 5.10
N LEU A 23 -7.89 -1.14 5.16
CA LEU A 23 -8.75 -2.06 5.89
C LEU A 23 -8.99 -1.55 7.31
N LEU A 24 -7.94 -0.99 7.92
CA LEU A 24 -8.03 -0.47 9.27
C LEU A 24 -8.67 0.91 9.30
N HIS A 25 -8.41 1.69 8.25
CA HIS A 25 -8.96 3.05 8.15
C HIS A 25 -10.48 3.04 8.10
N PHE A 26 -11.05 2.37 7.10
CA PHE A 26 -12.49 2.31 6.95
C PHE A 26 -13.11 1.33 7.94
N GLY A 27 -12.34 0.33 8.36
CA GLY A 27 -12.84 -0.65 9.29
C GLY A 27 -14.00 -1.46 8.75
N VAL A 28 -14.26 -1.30 7.45
CA VAL A 28 -15.36 -2.01 6.79
C VAL A 28 -15.24 -3.52 6.97
N ILE A 29 -14.03 -4.03 6.82
CA ILE A 29 -13.77 -5.46 6.97
C ILE A 29 -12.31 -5.72 7.31
N GLY A 30 -12.01 -5.82 8.61
CA GLY A 30 -10.65 -6.06 9.05
C GLY A 30 -10.35 -5.39 10.37
N PRO A 31 -10.94 -5.89 11.47
CA PRO A 31 -10.72 -5.31 12.81
C PRO A 31 -9.30 -5.56 13.31
N GLN A 32 -8.86 -6.80 13.20
CA GLN A 32 -7.53 -7.19 13.64
C GLN A 32 -7.28 -6.75 15.08
N ARG A 33 -8.19 -7.13 15.97
CA ARG A 33 -8.07 -6.76 17.38
C ARG A 33 -7.25 -7.80 18.14
N ARG A 1 19.49 10.34 -6.75
CA ARG A 1 20.21 9.52 -7.76
C ARG A 1 19.51 8.20 -8.01
N ARG A 2 18.29 8.08 -7.49
CA ARG A 2 17.51 6.86 -7.65
C ARG A 2 17.28 6.56 -9.13
N CYS A 3 17.35 5.27 -9.48
CA CYS A 3 17.16 4.84 -10.86
C CYS A 3 15.77 4.24 -11.05
N LEU A 4 15.51 3.73 -12.25
CA LEU A 4 14.22 3.12 -12.57
C LEU A 4 13.93 1.95 -11.66
N PHE A 5 14.91 1.06 -11.49
CA PHE A 5 14.76 -0.12 -10.64
C PHE A 5 14.39 0.27 -9.22
N LEU A 6 15.06 1.30 -8.70
CA LEU A 6 14.80 1.77 -7.34
C LEU A 6 13.41 2.37 -7.23
N SER A 7 12.92 2.94 -8.32
CA SER A 7 11.59 3.54 -8.35
C SER A 7 10.50 2.46 -8.29
N LEU A 8 10.75 1.36 -8.98
CA LEU A 8 9.80 0.25 -9.01
C LEU A 8 9.70 -0.41 -7.64
N PHE A 9 10.76 -0.28 -6.84
CA PHE A 9 10.81 -0.86 -5.51
C PHE A 9 9.92 -0.08 -4.54
N SER A 10 9.45 1.08 -4.98
CA SER A 10 8.60 1.93 -4.15
C SER A 10 7.12 1.57 -4.31
N PHE A 11 6.75 1.12 -5.51
CA PHE A 11 5.37 0.75 -5.79
C PHE A 11 4.95 -0.45 -4.96
N LEU A 12 5.90 -1.30 -4.63
CA LEU A 12 5.62 -2.48 -3.83
C LEU A 12 5.37 -2.10 -2.38
N ILE A 13 6.03 -1.03 -1.94
CA ILE A 13 5.87 -0.54 -0.58
C ILE A 13 4.57 0.24 -0.43
N VAL A 14 4.19 0.97 -1.47
CA VAL A 14 2.98 1.77 -1.44
C VAL A 14 1.74 0.88 -1.50
N LEU A 15 1.83 -0.24 -2.20
CA LEU A 15 0.71 -1.16 -2.33
C LEU A 15 0.56 -2.02 -1.07
N LEU A 16 1.67 -2.54 -0.57
CA LEU A 16 1.66 -3.37 0.62
C LEU A 16 1.05 -2.62 1.80
N LEU A 17 1.39 -1.33 1.93
CA LEU A 17 0.88 -0.51 3.01
C LEU A 17 -0.61 -0.23 2.86
N THR A 18 -1.01 0.25 1.69
CA THR A 18 -2.41 0.58 1.42
C THR A 18 -3.35 -0.58 1.78
N THR A 19 -2.82 -1.80 1.77
CA THR A 19 -3.64 -2.97 2.09
C THR A 19 -4.16 -2.90 3.52
N LEU A 20 -3.24 -2.83 4.48
CA LEU A 20 -3.60 -2.76 5.89
C LEU A 20 -4.00 -1.34 6.29
N PHE A 21 -3.58 -0.37 5.49
CA PHE A 21 -3.87 1.03 5.77
C PHE A 21 -5.33 1.36 5.45
N CYS A 22 -5.89 0.68 4.45
CA CYS A 22 -7.27 0.90 4.05
C CYS A 22 -8.23 0.16 4.97
N LEU A 23 -7.82 -1.01 5.43
CA LEU A 23 -8.64 -1.82 6.32
C LEU A 23 -8.83 -1.12 7.67
N LEU A 24 -7.82 -0.37 8.08
CA LEU A 24 -7.88 0.35 9.36
C LEU A 24 -8.67 1.65 9.21
N HIS A 25 -8.64 2.22 8.01
CA HIS A 25 -9.36 3.47 7.74
C HIS A 25 -10.86 3.24 7.69
N PHE A 26 -11.27 2.11 7.13
CA PHE A 26 -12.69 1.77 7.01
C PHE A 26 -13.15 0.92 8.18
N GLY A 27 -12.20 0.25 8.83
CA GLY A 27 -12.51 -0.59 9.97
C GLY A 27 -13.27 -1.85 9.58
N VAL A 28 -13.28 -2.16 8.28
CA VAL A 28 -13.97 -3.33 7.78
C VAL A 28 -13.39 -4.62 8.36
N ILE A 29 -12.25 -5.05 7.82
CA ILE A 29 -11.59 -6.26 8.30
C ILE A 29 -10.07 -6.11 8.25
N GLY A 30 -9.49 -5.71 9.39
CA GLY A 30 -8.05 -5.54 9.46
C GLY A 30 -7.47 -6.15 10.73
N PRO A 31 -7.69 -5.52 11.89
CA PRO A 31 -7.17 -6.02 13.17
C PRO A 31 -7.60 -7.45 13.46
N GLN A 32 -8.78 -7.83 12.96
CA GLN A 32 -9.31 -9.17 13.16
C GLN A 32 -9.36 -9.51 14.64
N ARG A 33 -10.41 -9.05 15.32
CA ARG A 33 -10.58 -9.31 16.75
C ARG A 33 -11.10 -10.72 16.98
N ARG A 1 9.32 5.57 -20.35
CA ARG A 1 10.07 6.74 -19.81
C ARG A 1 10.87 6.35 -18.58
N ARG A 2 10.17 5.92 -17.53
CA ARG A 2 10.82 5.51 -16.29
C ARG A 2 10.77 4.00 -16.14
N CYS A 3 11.85 3.44 -15.58
CA CYS A 3 11.94 2.00 -15.37
C CYS A 3 10.80 1.50 -14.49
N LEU A 4 10.10 0.49 -14.98
CA LEU A 4 8.97 -0.09 -14.23
C LEU A 4 9.46 -0.97 -13.09
N PHE A 5 10.66 -1.52 -13.22
CA PHE A 5 11.24 -2.37 -12.20
C PHE A 5 11.87 -1.54 -11.09
N LEU A 6 12.39 -0.37 -11.45
CA LEU A 6 13.04 0.51 -10.49
C LEU A 6 12.01 1.33 -9.71
N SER A 7 11.02 1.86 -10.43
CA SER A 7 9.97 2.66 -9.81
C SER A 7 9.14 1.81 -8.86
N LEU A 8 8.97 0.54 -9.20
CA LEU A 8 8.20 -0.37 -8.37
C LEU A 8 8.86 -0.59 -7.02
N PHE A 9 10.15 -0.26 -6.94
CA PHE A 9 10.91 -0.41 -5.70
C PHE A 9 10.27 0.38 -4.57
N SER A 10 9.59 1.47 -4.91
CA SER A 10 8.94 2.31 -3.92
C SER A 10 7.44 2.03 -3.85
N PHE A 11 6.83 1.82 -5.02
CA PHE A 11 5.39 1.55 -5.08
C PHE A 11 5.04 0.26 -4.34
N LEU A 12 6.02 -0.61 -4.19
CA LEU A 12 5.81 -1.88 -3.51
C LEU A 12 5.67 -1.67 -2.00
N ILE A 13 6.49 -0.77 -1.47
CA ILE A 13 6.47 -0.47 -0.04
C ILE A 13 5.21 0.32 0.32
N VAL A 14 4.79 1.18 -0.59
CA VAL A 14 3.61 2.00 -0.37
C VAL A 14 2.32 1.19 -0.53
N LEU A 15 2.41 0.10 -1.28
CA LEU A 15 1.25 -0.76 -1.52
C LEU A 15 1.03 -1.71 -0.34
N LEU A 16 2.06 -2.46 0.01
CA LEU A 16 1.98 -3.41 1.11
C LEU A 16 1.39 -2.77 2.37
N LEU A 17 1.67 -1.50 2.57
CA LEU A 17 1.17 -0.78 3.75
C LEU A 17 -0.27 -0.33 3.54
N THR A 18 -0.53 0.35 2.43
CA THR A 18 -1.87 0.86 2.13
C THR A 18 -2.91 -0.26 2.09
N THR A 19 -2.46 -1.49 1.84
CA THR A 19 -3.38 -2.62 1.77
C THR A 19 -4.12 -2.82 3.09
N LEU A 20 -3.37 -3.06 4.16
CA LEU A 20 -3.96 -3.28 5.47
C LEU A 20 -4.35 -1.96 6.14
N PHE A 21 -3.60 -0.91 5.86
CA PHE A 21 -3.88 0.39 6.45
C PHE A 21 -5.21 0.97 5.96
N CYS A 22 -5.59 0.61 4.74
CA CYS A 22 -6.84 1.11 4.16
C CYS A 22 -8.03 0.29 4.66
N LEU A 23 -7.91 -1.03 4.64
CA LEU A 23 -8.97 -1.91 5.09
C LEU A 23 -9.38 -1.58 6.52
N LEU A 24 -8.39 -1.19 7.33
CA LEU A 24 -8.63 -0.85 8.73
C LEU A 24 -9.17 0.57 8.88
N HIS A 25 -8.59 1.50 8.14
CA HIS A 25 -9.00 2.91 8.21
C HIS A 25 -10.38 3.13 7.60
N PHE A 26 -10.53 2.81 6.32
CA PHE A 26 -11.80 2.99 5.62
C PHE A 26 -12.90 2.13 6.24
N GLY A 27 -12.50 1.03 6.86
CA GLY A 27 -13.46 0.13 7.50
C GLY A 27 -14.42 -0.48 6.51
N VAL A 28 -14.03 -0.55 5.24
CA VAL A 28 -14.87 -1.11 4.19
C VAL A 28 -15.30 -2.54 4.54
N ILE A 29 -14.35 -3.36 4.97
CA ILE A 29 -14.62 -4.75 5.35
C ILE A 29 -13.50 -5.33 6.18
N GLY A 30 -13.71 -5.39 7.49
CA GLY A 30 -12.71 -5.94 8.39
C GLY A 30 -13.03 -7.36 8.81
N PRO A 31 -14.06 -7.56 9.64
CA PRO A 31 -14.47 -8.89 10.11
C PRO A 31 -14.96 -9.77 8.97
N GLN A 32 -15.38 -10.98 9.30
CA GLN A 32 -15.88 -11.92 8.30
C GLN A 32 -17.41 -11.92 8.26
N ARG A 33 -17.98 -10.94 7.56
CA ARG A 33 -19.43 -10.81 7.44
C ARG A 33 -19.86 -10.86 5.98
N ARG A 1 17.13 3.87 -19.68
CA ARG A 1 18.28 3.14 -19.10
C ARG A 1 17.92 2.52 -17.76
N ARG A 2 17.08 3.22 -17.00
CA ARG A 2 16.64 2.74 -15.69
C ARG A 2 15.73 1.53 -15.83
N CYS A 3 15.83 0.60 -14.88
CA CYS A 3 15.02 -0.62 -14.89
C CYS A 3 13.62 -0.33 -14.37
N LEU A 4 12.64 -1.05 -14.91
CA LEU A 4 11.25 -0.89 -14.51
C LEU A 4 10.96 -1.60 -13.18
N PHE A 5 11.81 -2.57 -12.86
CA PHE A 5 11.66 -3.34 -11.62
C PHE A 5 12.21 -2.55 -10.43
N LEU A 6 13.17 -1.69 -10.70
CA LEU A 6 13.79 -0.88 -9.67
C LEU A 6 12.87 0.27 -9.24
N SER A 7 12.19 0.84 -10.22
CA SER A 7 11.27 1.96 -9.95
C SER A 7 10.07 1.49 -9.15
N LEU A 8 9.79 0.20 -9.20
CA LEU A 8 8.66 -0.38 -8.48
C LEU A 8 9.01 -0.64 -7.03
N PHE A 9 10.30 -0.57 -6.71
CA PHE A 9 10.77 -0.80 -5.34
C PHE A 9 10.16 0.18 -4.36
N SER A 10 9.69 1.32 -4.86
CA SER A 10 9.08 2.34 -4.01
C SER A 10 7.56 2.15 -3.92
N PHE A 11 6.91 2.06 -5.07
CA PHE A 11 5.47 1.89 -5.13
C PHE A 11 5.05 0.58 -4.45
N LEU A 12 5.98 -0.34 -4.31
CA LEU A 12 5.71 -1.63 -3.68
C LEU A 12 5.55 -1.46 -2.18
N ILE A 13 6.28 -0.50 -1.62
CA ILE A 13 6.23 -0.24 -0.18
C ILE A 13 5.00 0.59 0.17
N VAL A 14 4.60 1.46 -0.75
CA VAL A 14 3.43 2.31 -0.53
C VAL A 14 2.13 1.54 -0.73
N LEU A 15 2.18 0.51 -1.56
CA LEU A 15 1.00 -0.31 -1.85
C LEU A 15 0.78 -1.34 -0.74
N LEU A 16 1.85 -2.03 -0.37
CA LEU A 16 1.78 -3.06 0.67
C LEU A 16 1.15 -2.50 1.95
N LEU A 17 1.44 -1.23 2.24
CA LEU A 17 0.91 -0.58 3.44
C LEU A 17 -0.53 -0.12 3.24
N THR A 18 -0.78 0.58 2.13
CA THR A 18 -2.12 1.09 1.84
C THR A 18 -3.17 -0.01 1.85
N THR A 19 -2.74 -1.26 1.63
CA THR A 19 -3.67 -2.38 1.61
C THR A 19 -4.22 -2.68 3.00
N LEU A 20 -3.33 -2.97 3.94
CA LEU A 20 -3.73 -3.28 5.32
C LEU A 20 -4.13 -2.02 6.09
N PHE A 21 -3.66 -0.87 5.62
CA PHE A 21 -3.96 0.40 6.28
C PHE A 21 -5.37 0.88 5.92
N CYS A 22 -5.77 0.68 4.67
CA CYS A 22 -7.08 1.11 4.22
C CYS A 22 -8.18 0.25 4.83
N LEU A 23 -7.90 -1.03 4.99
CA LEU A 23 -8.86 -1.96 5.57
C LEU A 23 -9.20 -1.55 7.00
N LEU A 24 -8.19 -1.06 7.71
CA LEU A 24 -8.36 -0.61 9.09
C LEU A 24 -8.96 0.79 9.14
N HIS A 25 -8.61 1.62 8.16
CA HIS A 25 -9.10 3.00 8.10
C HIS A 25 -10.56 3.05 7.68
N PHE A 26 -11.02 2.02 6.96
CA PHE A 26 -12.39 1.97 6.50
C PHE A 26 -13.21 0.96 7.31
N GLY A 27 -12.51 0.02 7.95
CA GLY A 27 -13.18 -0.99 8.75
C GLY A 27 -13.99 -1.97 7.92
N VAL A 28 -13.60 -2.12 6.65
CA VAL A 28 -14.28 -3.05 5.74
C VAL A 28 -14.43 -4.43 6.37
N ILE A 29 -13.31 -5.13 6.47
CA ILE A 29 -13.30 -6.47 7.04
C ILE A 29 -12.07 -6.67 7.93
N GLY A 30 -11.26 -7.67 7.62
CA GLY A 30 -10.06 -7.94 8.39
C GLY A 30 -9.77 -9.43 8.50
N PRO A 31 -10.71 -10.21 9.07
CA PRO A 31 -10.53 -11.66 9.22
C PRO A 31 -10.81 -12.41 7.92
N GLN A 32 -11.26 -13.65 8.04
CA GLN A 32 -11.56 -14.47 6.87
C GLN A 32 -13.06 -14.71 6.74
N ARG A 33 -13.85 -13.75 7.24
CA ARG A 33 -15.30 -13.86 7.19
C ARG A 33 -15.93 -12.53 6.75
#